data_1PZR
#
_entry.id   1PZR
#
_entity_poly.entity_id   1
_entity_poly.type   'polypeptide(L)'
_entity_poly.pdbx_seq_one_letter_code
;ASDDELFSMLDQRFGGGEDLLMSGDNGMTEEKLRRYLKRTVTELDSVTARLREVEHRAGE
;
_entity_poly.pdbx_strand_id   A,B
#
# COMPACT_ATOMS: atom_id res chain seq x y z
N ALA A 1 -7.71 -4.64 15.75
CA ALA A 1 -8.67 -4.45 14.62
C ALA A 1 -8.52 -5.56 13.59
N SER A 2 -9.65 -6.03 13.08
CA SER A 2 -9.63 -7.07 12.06
C SER A 2 -8.89 -6.56 10.84
N ASP A 3 -8.19 -7.47 10.19
CA ASP A 3 -7.42 -7.14 9.01
C ASP A 3 -8.33 -6.82 7.83
N ASP A 4 -9.46 -7.51 7.75
CA ASP A 4 -10.42 -7.31 6.67
C ASP A 4 -10.87 -5.86 6.62
N GLU A 5 -11.01 -5.24 7.77
CA GLU A 5 -11.44 -3.86 7.83
C GLU A 5 -10.50 -2.99 6.99
N LEU A 6 -9.23 -3.34 7.04
CA LEU A 6 -8.20 -2.62 6.28
C LEU A 6 -8.21 -3.06 4.83
N PHE A 7 -8.34 -4.35 4.62
CA PHE A 7 -8.36 -4.92 3.30
C PHE A 7 -9.65 -4.55 2.56
N SER A 8 -10.65 -4.15 3.33
CA SER A 8 -11.94 -3.78 2.76
C SER A 8 -11.82 -2.50 1.93
N MET A 9 -11.26 -1.46 2.53
CA MET A 9 -11.06 -0.22 1.83
C MET A 9 -10.28 -0.47 0.55
N LEU A 10 -9.34 -1.41 0.64
CA LEU A 10 -8.52 -1.80 -0.50
C LEU A 10 -9.40 -2.50 -1.52
N ASP A 11 -10.38 -3.22 -1.02
CA ASP A 11 -11.32 -3.94 -1.86
C ASP A 11 -12.07 -2.99 -2.77
N GLN A 12 -12.42 -1.84 -2.23
CA GLN A 12 -13.16 -0.84 -2.99
C GLN A 12 -12.25 -0.02 -3.91
N ARG A 13 -11.04 0.22 -3.45
CA ARG A 13 -10.08 1.01 -4.21
C ARG A 13 -9.45 0.17 -5.32
N PHE A 14 -9.16 -1.07 -5.00
CA PHE A 14 -8.56 -2.01 -5.93
C PHE A 14 -9.53 -2.41 -7.01
N GLY A 15 -10.82 -2.23 -6.75
CA GLY A 15 -11.83 -2.60 -7.73
C GLY A 15 -13.24 -2.46 -7.22
N GLY A 16 -13.62 -1.25 -6.83
CA GLY A 16 -14.96 -1.01 -6.33
C GLY A 16 -16.03 -1.40 -7.34
N GLY A 17 -17.11 -2.01 -6.86
CA GLY A 17 -18.18 -2.42 -7.75
C GLY A 17 -17.83 -3.65 -8.55
N GLU A 18 -18.81 -4.54 -8.72
CA GLU A 18 -18.62 -5.77 -9.46
C GLU A 18 -19.93 -6.50 -9.69
N ASP A 19 -19.86 -7.82 -9.81
CA ASP A 19 -21.02 -8.64 -10.06
C ASP A 19 -20.80 -10.03 -9.49
N LEU A 20 -19.67 -10.58 -9.86
CA LEU A 20 -19.30 -11.92 -9.42
C LEU A 20 -19.10 -11.98 -7.91
N LEU A 21 -19.58 -13.05 -7.30
CA LEU A 21 -19.48 -13.23 -5.87
C LEU A 21 -18.03 -13.24 -5.41
N MET A 22 -17.73 -12.45 -4.39
CA MET A 22 -16.38 -12.38 -3.85
C MET A 22 -15.96 -13.71 -3.25
N SER A 23 -16.88 -14.37 -2.55
CA SER A 23 -16.63 -15.65 -1.93
C SER A 23 -15.44 -15.56 -0.97
N GLY A 24 -14.76 -16.68 -0.77
CA GLY A 24 -13.62 -16.70 0.12
C GLY A 24 -13.07 -18.10 0.35
N ASP A 25 -11.76 -18.25 0.28
CA ASP A 25 -11.12 -19.54 0.47
C ASP A 25 -9.61 -19.37 0.58
N ASN A 26 -9.20 -18.44 1.43
CA ASN A 26 -7.77 -18.16 1.64
C ASN A 26 -7.14 -19.23 2.53
N GLY A 27 -5.95 -19.69 2.15
CA GLY A 27 -5.27 -20.71 2.93
C GLY A 27 -4.97 -20.24 4.33
N MET A 28 -4.36 -19.05 4.44
CA MET A 28 -4.01 -18.48 5.73
C MET A 28 -3.96 -16.96 5.66
N THR A 29 -3.15 -16.37 6.53
CA THR A 29 -3.00 -14.92 6.57
C THR A 29 -2.23 -14.42 5.35
N GLU A 30 -1.13 -15.11 5.03
CA GLU A 30 -0.29 -14.77 3.89
C GLU A 30 -1.12 -14.53 2.64
N GLU A 31 -1.90 -15.54 2.27
CA GLU A 31 -2.75 -15.48 1.08
C GLU A 31 -3.34 -14.09 0.85
N LYS A 32 -4.01 -13.58 1.87
CA LYS A 32 -4.61 -12.26 1.80
C LYS A 32 -3.50 -11.23 1.69
N LEU A 33 -2.55 -11.33 2.60
CA LEU A 33 -1.39 -10.44 2.63
C LEU A 33 -0.59 -10.48 1.34
N ARG A 34 -0.77 -11.52 0.53
CA ARG A 34 -0.04 -11.65 -0.72
C ARG A 34 -0.53 -10.63 -1.76
N ARG A 35 -1.85 -10.50 -1.87
CA ARG A 35 -2.44 -9.57 -2.84
C ARG A 35 -2.54 -8.15 -2.30
N TYR A 36 -3.13 -8.00 -1.10
CA TYR A 36 -3.31 -6.71 -0.48
C TYR A 36 -1.99 -5.97 -0.27
N LEU A 37 -0.98 -6.67 0.24
CA LEU A 37 0.32 -6.02 0.47
C LEU A 37 0.98 -5.66 -0.86
N LYS A 38 1.30 -6.68 -1.64
CA LYS A 38 1.95 -6.48 -2.93
C LYS A 38 1.28 -5.37 -3.72
N ARG A 39 -0.04 -5.31 -3.63
CA ARG A 39 -0.82 -4.31 -4.34
C ARG A 39 -0.70 -2.95 -3.70
N THR A 40 -1.10 -2.84 -2.43
CA THR A 40 -1.05 -1.57 -1.74
C THR A 40 0.30 -0.89 -1.83
N VAL A 41 1.35 -1.67 -2.03
CA VAL A 41 2.69 -1.11 -2.14
C VAL A 41 2.82 -0.27 -3.38
N THR A 42 2.46 -0.85 -4.51
CA THR A 42 2.51 -0.16 -5.76
C THR A 42 1.36 0.84 -5.82
N GLU A 43 0.29 0.50 -5.10
CA GLU A 43 -0.88 1.32 -5.00
C GLU A 43 -0.51 2.61 -4.30
N LEU A 44 0.24 2.46 -3.23
CA LEU A 44 0.71 3.59 -2.46
C LEU A 44 1.85 4.24 -3.21
N ASP A 45 2.60 3.41 -3.92
CA ASP A 45 3.72 3.86 -4.73
C ASP A 45 3.20 4.57 -5.97
N SER A 46 1.91 4.40 -6.23
CA SER A 46 1.26 5.00 -7.38
C SER A 46 0.74 6.38 -7.04
N VAL A 47 -0.15 6.42 -6.06
CA VAL A 47 -0.73 7.66 -5.61
C VAL A 47 0.37 8.62 -5.19
N THR A 48 1.32 8.08 -4.46
CA THR A 48 2.47 8.86 -4.01
C THR A 48 3.27 9.37 -5.18
N ALA A 49 3.26 8.57 -6.21
CA ALA A 49 3.99 8.85 -7.41
C ALA A 49 3.37 9.98 -8.24
N ARG A 50 2.05 10.01 -8.29
CA ARG A 50 1.36 11.02 -9.07
C ARG A 50 1.09 12.27 -8.24
N LEU A 51 0.95 12.07 -6.94
CA LEU A 51 0.67 13.16 -6.01
C LEU A 51 1.69 14.28 -6.14
N ARG A 52 2.92 13.90 -6.37
CA ARG A 52 4.02 14.84 -6.51
C ARG A 52 3.78 15.78 -7.68
N GLU A 53 3.11 15.28 -8.71
CA GLU A 53 2.81 16.06 -9.89
C GLU A 53 1.46 16.73 -9.75
N VAL A 54 0.57 16.06 -9.04
CA VAL A 54 -0.77 16.57 -8.84
C VAL A 54 -0.75 17.94 -8.17
N GLU A 55 0.08 18.06 -7.15
CA GLU A 55 0.22 19.31 -6.42
C GLU A 55 0.61 20.41 -7.39
N HIS A 56 1.51 20.03 -8.26
CA HIS A 56 2.06 20.91 -9.27
C HIS A 56 1.04 21.30 -10.33
N ARG A 57 0.76 20.38 -11.24
CA ARG A 57 -0.19 20.63 -12.33
C ARG A 57 -1.61 20.87 -11.82
N ALA A 58 -2.08 19.99 -10.94
CA ALA A 58 -3.43 20.12 -10.40
C ALA A 58 -4.49 20.06 -11.51
N GLY A 59 -5.50 20.90 -11.41
CA GLY A 59 -6.56 20.92 -12.41
C GLY A 59 -7.65 21.93 -12.11
N GLU A 60 -8.09 22.64 -13.13
CA GLU A 60 -9.14 23.64 -12.98
C GLU A 60 -10.43 23.00 -12.45
N ALA B 1 7.84 -12.38 -9.58
CA ALA B 1 8.73 -11.29 -9.08
C ALA B 1 8.94 -11.41 -7.58
N SER B 2 10.18 -11.23 -7.14
CA SER B 2 10.51 -11.30 -5.73
C SER B 2 9.73 -10.26 -4.93
N ASP B 3 9.17 -10.68 -3.80
CA ASP B 3 8.40 -9.78 -2.95
C ASP B 3 9.27 -8.63 -2.44
N ASP B 4 10.54 -8.95 -2.16
CA ASP B 4 11.48 -7.95 -1.67
C ASP B 4 11.57 -6.75 -2.62
N GLU B 5 11.46 -7.01 -3.92
CA GLU B 5 11.52 -5.95 -4.92
C GLU B 5 10.44 -4.91 -4.66
N LEU B 6 9.21 -5.37 -4.45
CA LEU B 6 8.09 -4.46 -4.19
C LEU B 6 8.28 -3.77 -2.85
N PHE B 7 8.68 -4.55 -1.86
CA PHE B 7 8.90 -4.04 -0.51
C PHE B 7 10.03 -3.00 -0.49
N SER B 8 10.98 -3.17 -1.41
CA SER B 8 12.10 -2.24 -1.51
C SER B 8 11.59 -0.83 -1.73
N MET B 9 10.58 -0.70 -2.60
CA MET B 9 9.99 0.60 -2.90
C MET B 9 9.50 1.25 -1.61
N LEU B 10 9.03 0.41 -0.69
CA LEU B 10 8.54 0.87 0.59
C LEU B 10 9.68 1.25 1.53
N ASP B 11 10.77 0.50 1.45
CA ASP B 11 11.93 0.75 2.30
C ASP B 11 12.37 2.21 2.22
N GLN B 12 12.36 2.76 1.01
CA GLN B 12 12.78 4.14 0.79
C GLN B 12 11.69 5.15 1.18
N ARG B 13 10.45 4.83 0.84
CA ARG B 13 9.32 5.73 1.14
C ARG B 13 8.98 5.73 2.63
N PHE B 14 8.97 4.54 3.22
CA PHE B 14 8.63 4.39 4.64
C PHE B 14 9.75 4.91 5.54
N GLY B 15 10.97 5.02 5.00
CA GLY B 15 12.08 5.50 5.80
C GLY B 15 13.39 5.52 5.02
N GLY B 16 13.42 6.22 3.90
CA GLY B 16 14.62 6.31 3.10
C GLY B 16 15.79 6.89 3.85
N GLY B 17 16.97 6.32 3.64
CA GLY B 17 18.16 6.81 4.32
C GLY B 17 18.16 6.47 5.80
N GLU B 18 19.32 6.07 6.32
CA GLU B 18 19.44 5.71 7.73
C GLU B 18 20.91 5.53 8.12
N ASP B 19 21.15 4.69 9.12
CA ASP B 19 22.51 4.44 9.60
C ASP B 19 22.62 3.01 10.14
N LEU B 20 21.66 2.64 10.98
CA LEU B 20 21.64 1.30 11.58
C LEU B 20 21.45 0.23 10.50
N LEU B 21 22.22 -0.85 10.63
CA LEU B 21 22.14 -1.96 9.68
C LEU B 21 20.74 -2.55 9.65
N MET B 22 20.18 -2.71 8.44
CA MET B 22 18.85 -3.26 8.28
C MET B 22 18.79 -4.70 8.78
N SER B 23 19.83 -5.48 8.48
CA SER B 23 19.91 -6.87 8.90
C SER B 23 18.71 -7.66 8.36
N GLY B 24 18.29 -8.67 9.12
CA GLY B 24 17.16 -9.48 8.71
C GLY B 24 17.01 -10.72 9.56
N ASP B 25 15.76 -11.04 9.92
CA ASP B 25 15.48 -12.22 10.74
C ASP B 25 13.98 -12.47 10.82
N ASN B 26 13.30 -12.35 9.69
CA ASN B 26 11.86 -12.56 9.62
C ASN B 26 11.52 -14.04 9.83
N GLY B 27 10.51 -14.31 10.64
CA GLY B 27 10.11 -15.67 10.89
C GLY B 27 9.64 -16.39 9.65
N MET B 28 8.73 -15.75 8.90
CA MET B 28 8.20 -16.32 7.67
C MET B 28 7.76 -15.21 6.72
N THR B 29 6.74 -15.50 5.91
CA THR B 29 6.21 -14.53 4.97
C THR B 29 5.36 -13.49 5.67
N GLU B 30 4.49 -13.95 6.58
CA GLU B 30 3.61 -13.06 7.33
C GLU B 30 4.39 -11.96 8.03
N GLU B 31 5.45 -12.34 8.75
CA GLU B 31 6.27 -11.38 9.48
C GLU B 31 6.51 -10.12 8.66
N LYS B 32 6.97 -10.31 7.42
CA LYS B 32 7.23 -9.19 6.53
C LYS B 32 5.91 -8.57 6.06
N LEU B 33 4.94 -9.43 5.76
CA LEU B 33 3.62 -8.98 5.31
C LEU B 33 2.87 -8.25 6.42
N ARG B 34 3.33 -8.38 7.65
CA ARG B 34 2.68 -7.72 8.79
C ARG B 34 2.94 -6.22 8.80
N ARG B 35 4.20 -5.84 8.78
CA ARG B 35 4.58 -4.43 8.81
C ARG B 35 4.35 -3.73 7.47
N TYR B 36 4.83 -4.34 6.38
CA TYR B 36 4.69 -3.74 5.06
C TYR B 36 3.22 -3.55 4.67
N LEU B 37 2.39 -4.57 4.89
CA LEU B 37 0.98 -4.47 4.52
C LEU B 37 0.22 -3.50 5.42
N LYS B 38 0.33 -3.69 6.71
CA LYS B 38 -0.35 -2.81 7.65
C LYS B 38 0.02 -1.36 7.38
N ARG B 39 1.27 -1.15 7.00
CA ARG B 39 1.77 0.18 6.69
C ARG B 39 1.30 0.64 5.31
N THR B 40 1.34 -0.26 4.34
CA THR B 40 0.95 0.06 2.98
C THR B 40 -0.47 0.60 2.88
N VAL B 41 -1.42 -0.10 3.49
CA VAL B 41 -2.81 0.34 3.41
C VAL B 41 -2.95 1.75 3.99
N THR B 42 -2.18 2.05 5.02
CA THR B 42 -2.21 3.37 5.64
C THR B 42 -1.55 4.41 4.74
N GLU B 43 -0.38 4.05 4.21
CA GLU B 43 0.35 4.93 3.30
C GLU B 43 -0.47 5.14 2.05
N LEU B 44 -1.06 4.05 1.60
CA LEU B 44 -1.92 4.02 0.43
C LEU B 44 -3.15 4.89 0.66
N ASP B 45 -3.66 4.83 1.88
CA ASP B 45 -4.81 5.61 2.27
C ASP B 45 -4.41 7.07 2.49
N SER B 46 -3.16 7.27 2.90
CA SER B 46 -2.63 8.61 3.15
C SER B 46 -2.48 9.40 1.85
N VAL B 47 -1.73 8.85 0.90
CA VAL B 47 -1.52 9.51 -0.38
C VAL B 47 -2.84 9.87 -1.04
N THR B 48 -3.75 8.92 -1.09
CA THR B 48 -5.06 9.13 -1.69
C THR B 48 -5.87 10.16 -0.92
N ALA B 49 -5.72 10.14 0.41
CA ALA B 49 -6.44 11.07 1.28
C ALA B 49 -6.04 12.51 0.99
N ARG B 50 -4.74 12.74 0.86
CA ARG B 50 -4.23 14.09 0.59
C ARG B 50 -4.31 14.42 -0.90
N LEU B 51 -4.20 13.39 -1.74
CA LEU B 51 -4.23 13.58 -3.19
C LEU B 51 -5.49 14.34 -3.64
N ARG B 52 -6.63 14.02 -3.04
CA ARG B 52 -7.87 14.69 -3.38
C ARG B 52 -7.76 16.20 -3.20
N GLU B 53 -7.05 16.61 -2.14
CA GLU B 53 -6.86 18.03 -1.85
C GLU B 53 -5.70 18.62 -2.67
N VAL B 54 -4.65 17.83 -2.83
CA VAL B 54 -3.46 18.26 -3.57
C VAL B 54 -3.84 18.82 -4.95
N GLU B 55 -4.75 18.15 -5.64
CA GLU B 55 -5.18 18.60 -6.95
C GLU B 55 -5.95 19.91 -6.85
N HIS B 56 -6.75 20.03 -5.79
CA HIS B 56 -7.56 21.23 -5.56
C HIS B 56 -6.69 22.43 -5.20
N ARG B 57 -6.07 22.39 -4.03
CA ARG B 57 -5.23 23.48 -3.55
C ARG B 57 -3.96 23.62 -4.40
N ALA B 58 -3.31 22.48 -4.65
CA ALA B 58 -2.08 22.47 -5.45
C ALA B 58 -0.98 23.29 -4.76
N GLY B 59 -0.19 24.00 -5.56
CA GLY B 59 0.89 24.80 -5.01
C GLY B 59 1.71 25.49 -6.09
N GLU B 60 2.02 26.76 -5.87
CA GLU B 60 2.79 27.54 -6.82
C GLU B 60 4.17 26.92 -7.04
N ALA A 1 -7.86 -3.64 15.34
CA ALA A 1 -8.98 -3.77 14.36
C ALA A 1 -8.76 -4.94 13.43
N SER A 2 -9.87 -5.44 12.87
CA SER A 2 -9.81 -6.54 11.94
C SER A 2 -9.06 -6.13 10.70
N ASP A 3 -8.31 -7.07 10.17
CA ASP A 3 -7.52 -6.81 8.98
C ASP A 3 -8.42 -6.62 7.76
N ASP A 4 -9.54 -7.33 7.73
CA ASP A 4 -10.47 -7.22 6.62
C ASP A 4 -11.01 -5.82 6.47
N GLU A 5 -11.21 -5.14 7.59
CA GLU A 5 -11.71 -3.79 7.55
C GLU A 5 -10.81 -2.91 6.69
N LEU A 6 -9.51 -3.17 6.79
CA LEU A 6 -8.50 -2.44 6.03
C LEU A 6 -8.44 -2.96 4.61
N PHE A 7 -8.52 -4.27 4.49
CA PHE A 7 -8.45 -4.93 3.20
C PHE A 7 -9.72 -4.67 2.40
N SER A 8 -10.78 -4.30 3.10
CA SER A 8 -12.06 -4.03 2.46
C SER A 8 -11.98 -2.80 1.57
N MET A 9 -11.49 -1.69 2.12
CA MET A 9 -11.34 -0.48 1.34
C MET A 9 -10.46 -0.78 0.13
N LEU A 10 -9.46 -1.63 0.34
CA LEU A 10 -8.55 -2.03 -0.72
C LEU A 10 -9.32 -2.84 -1.74
N ASP A 11 -10.31 -3.57 -1.24
CA ASP A 11 -11.16 -4.39 -2.08
C ASP A 11 -11.90 -3.53 -3.10
N GLN A 12 -12.35 -2.36 -2.65
CA GLN A 12 -13.08 -1.45 -3.51
C GLN A 12 -12.16 -0.68 -4.45
N ARG A 13 -11.00 -0.32 -3.94
CA ARG A 13 -10.02 0.42 -4.72
C ARG A 13 -9.39 -0.48 -5.78
N PHE A 14 -9.06 -1.69 -5.34
CA PHE A 14 -8.47 -2.69 -6.22
C PHE A 14 -9.51 -3.21 -7.19
N GLY A 15 -10.78 -3.01 -6.85
CA GLY A 15 -11.88 -3.47 -7.68
C GLY A 15 -11.68 -3.17 -9.16
N GLY A 16 -11.24 -1.95 -9.47
CA GLY A 16 -11.03 -1.57 -10.85
C GLY A 16 -10.02 -2.48 -11.54
N GLY A 17 -10.42 -3.05 -12.67
CA GLY A 17 -9.53 -3.94 -13.40
C GLY A 17 -10.22 -4.63 -14.56
N GLU A 18 -11.37 -5.22 -14.27
CA GLU A 18 -12.16 -5.94 -15.27
C GLU A 18 -11.44 -7.19 -15.76
N ASP A 19 -10.41 -6.97 -16.55
CA ASP A 19 -9.60 -8.06 -17.10
C ASP A 19 -9.31 -9.11 -16.05
N LEU A 20 -8.86 -8.63 -14.91
CA LEU A 20 -8.50 -9.49 -13.79
C LEU A 20 -9.71 -10.30 -13.32
N LEU A 21 -9.46 -11.55 -12.96
CA LEU A 21 -10.51 -12.44 -12.49
C LEU A 21 -11.00 -12.04 -11.10
N MET A 22 -11.23 -13.03 -10.24
CA MET A 22 -11.69 -12.79 -8.88
C MET A 22 -11.77 -14.09 -8.11
N SER A 23 -12.26 -15.14 -8.76
CA SER A 23 -12.39 -16.46 -8.15
C SER A 23 -11.04 -16.97 -7.66
N GLY A 24 -11.06 -17.67 -6.54
CA GLY A 24 -9.84 -18.22 -5.97
C GLY A 24 -10.09 -19.13 -4.79
N ASP A 25 -9.32 -18.95 -3.72
CA ASP A 25 -9.46 -19.77 -2.52
C ASP A 25 -8.66 -19.19 -1.37
N ASN A 26 -8.88 -17.91 -1.10
CA ASN A 26 -8.18 -17.21 -0.02
C ASN A 26 -8.56 -17.80 1.33
N GLY A 27 -7.58 -17.91 2.22
CA GLY A 27 -7.82 -18.46 3.55
C GLY A 27 -6.71 -18.14 4.52
N MET A 28 -5.48 -18.44 4.14
CA MET A 28 -4.33 -18.17 4.99
C MET A 28 -4.08 -16.68 5.10
N THR A 29 -3.56 -16.25 6.24
CA THR A 29 -3.26 -14.84 6.45
C THR A 29 -2.34 -14.33 5.35
N GLU A 30 -1.27 -15.07 5.09
CA GLU A 30 -0.31 -14.72 4.05
C GLU A 30 -1.01 -14.45 2.73
N GLU A 31 -1.88 -15.38 2.32
CA GLU A 31 -2.61 -15.25 1.07
C GLU A 31 -3.20 -13.86 0.91
N LYS A 32 -3.90 -13.41 1.93
CA LYS A 32 -4.50 -12.08 1.93
C LYS A 32 -3.38 -11.05 1.90
N LEU A 33 -2.50 -11.19 2.87
CA LEU A 33 -1.34 -10.33 3.02
C LEU A 33 -0.49 -10.30 1.74
N ARG A 34 -0.61 -11.34 0.92
CA ARG A 34 0.17 -11.44 -0.30
C ARG A 34 -0.34 -10.50 -1.38
N ARG A 35 -1.65 -10.49 -1.59
CA ARG A 35 -2.26 -9.64 -2.61
C ARG A 35 -2.41 -8.19 -2.13
N TYR A 36 -3.11 -8.00 -1.03
CA TYR A 36 -3.34 -6.69 -0.45
C TYR A 36 -2.05 -5.92 -0.27
N LEU A 37 -1.01 -6.58 0.23
CA LEU A 37 0.27 -5.91 0.42
C LEU A 37 0.97 -5.63 -0.91
N LYS A 38 1.27 -6.70 -1.66
CA LYS A 38 1.94 -6.54 -2.94
C LYS A 38 1.27 -5.44 -3.75
N ARG A 39 -0.04 -5.35 -3.62
CA ARG A 39 -0.82 -4.35 -4.31
C ARG A 39 -0.69 -2.97 -3.70
N THR A 40 -1.14 -2.82 -2.46
CA THR A 40 -1.10 -1.53 -1.80
C THR A 40 0.28 -0.86 -1.87
N VAL A 41 1.32 -1.64 -2.04
CA VAL A 41 2.66 -1.10 -2.12
C VAL A 41 2.82 -0.28 -3.38
N THR A 42 2.43 -0.86 -4.49
CA THR A 42 2.50 -0.19 -5.76
C THR A 42 1.34 0.80 -5.85
N GLU A 43 0.24 0.42 -5.19
CA GLU A 43 -0.94 1.24 -5.13
C GLU A 43 -0.59 2.54 -4.44
N LEU A 44 0.17 2.41 -3.36
CA LEU A 44 0.62 3.56 -2.60
C LEU A 44 1.74 4.23 -3.36
N ASP A 45 2.54 3.41 -4.03
CA ASP A 45 3.65 3.88 -4.84
C ASP A 45 3.11 4.59 -6.08
N SER A 46 1.83 4.37 -6.35
CA SER A 46 1.18 4.96 -7.50
C SER A 46 0.59 6.31 -7.17
N VAL A 47 -0.34 6.31 -6.24
CA VAL A 47 -0.98 7.54 -5.81
C VAL A 47 0.06 8.54 -5.37
N THR A 48 1.05 8.04 -4.65
CA THR A 48 2.15 8.84 -4.18
C THR A 48 2.92 9.41 -5.35
N ALA A 49 2.95 8.62 -6.38
CA ALA A 49 3.65 8.96 -7.59
C ALA A 49 2.92 10.00 -8.42
N ARG A 50 1.59 9.94 -8.43
CA ARG A 50 0.80 10.86 -9.20
C ARG A 50 0.54 12.17 -8.46
N LEU A 51 0.46 12.09 -7.15
CA LEU A 51 0.19 13.26 -6.31
C LEU A 51 1.26 14.33 -6.48
N ARG A 52 2.52 13.91 -6.50
CA ARG A 52 3.64 14.82 -6.64
C ARG A 52 3.48 15.72 -7.84
N GLU A 53 2.81 15.22 -8.87
CA GLU A 53 2.58 15.97 -10.06
C GLU A 53 1.32 16.77 -9.89
N VAL A 54 0.39 16.22 -9.12
CA VAL A 54 -0.85 16.89 -8.86
C VAL A 54 -0.55 18.23 -8.20
N GLU A 55 0.30 18.17 -7.17
CA GLU A 55 0.70 19.38 -6.47
C GLU A 55 1.63 20.18 -7.35
N HIS A 56 2.90 20.29 -6.93
CA HIS A 56 3.89 21.02 -7.69
C HIS A 56 3.35 22.42 -7.97
N ARG A 57 3.69 23.35 -7.10
CA ARG A 57 3.20 24.71 -7.19
C ARG A 57 1.70 24.68 -6.90
N ALA A 58 1.30 23.61 -6.21
CA ALA A 58 -0.10 23.38 -5.84
C ALA A 58 -1.02 23.58 -7.04
N GLY A 59 -0.61 23.03 -8.18
CA GLY A 59 -1.41 23.17 -9.39
C GLY A 59 -0.80 22.44 -10.58
N GLU A 60 -0.73 23.13 -11.71
CA GLU A 60 -0.14 22.54 -12.91
C GLU A 60 1.31 22.16 -12.70
N ALA B 1 7.13 -11.64 -9.95
CA ALA B 1 8.20 -10.74 -9.42
C ALA B 1 8.40 -10.95 -7.92
N SER B 2 9.65 -10.93 -7.50
CA SER B 2 9.98 -11.11 -6.09
C SER B 2 9.28 -10.06 -5.23
N ASP B 3 8.71 -10.51 -4.12
CA ASP B 3 8.00 -9.60 -3.21
C ASP B 3 8.95 -8.53 -2.67
N ASP B 4 10.20 -8.92 -2.44
CA ASP B 4 11.21 -7.99 -1.93
C ASP B 4 11.33 -6.76 -2.83
N GLU B 5 11.23 -6.98 -4.13
CA GLU B 5 11.33 -5.88 -5.10
C GLU B 5 10.32 -4.79 -4.80
N LEU B 6 9.06 -5.20 -4.62
CA LEU B 6 7.98 -4.26 -4.33
C LEU B 6 8.20 -3.63 -2.96
N PHE B 7 8.55 -4.47 -1.99
CA PHE B 7 8.80 -4.04 -0.62
C PHE B 7 9.94 -3.03 -0.56
N SER B 8 10.90 -3.18 -1.47
CA SER B 8 12.03 -2.27 -1.52
C SER B 8 11.56 -0.84 -1.70
N MET B 9 10.56 -0.66 -2.57
CA MET B 9 9.99 0.66 -2.81
C MET B 9 9.53 1.28 -1.50
N LEU B 10 9.03 0.43 -0.61
CA LEU B 10 8.56 0.85 0.70
C LEU B 10 9.73 1.14 1.64
N ASP B 11 10.76 0.31 1.55
CA ASP B 11 11.92 0.46 2.42
C ASP B 11 12.43 1.90 2.43
N GLN B 12 12.43 2.53 1.27
CA GLN B 12 12.90 3.91 1.14
C GLN B 12 11.85 4.91 1.62
N ARG B 13 10.62 4.75 1.16
CA ARG B 13 9.52 5.64 1.53
C ARG B 13 9.24 5.56 3.03
N PHE B 14 9.12 4.34 3.54
CA PHE B 14 8.83 4.10 4.95
C PHE B 14 10.05 4.44 5.80
N GLY B 15 11.22 4.49 5.16
CA GLY B 15 12.44 4.80 5.87
C GLY B 15 12.32 6.03 6.74
N GLY B 16 11.65 7.06 6.23
CA GLY B 16 11.49 8.29 6.99
C GLY B 16 10.79 8.06 8.31
N GLY B 17 11.41 8.53 9.39
CA GLY B 17 10.82 8.37 10.71
C GLY B 17 11.77 8.80 11.81
N GLU B 18 13.00 8.30 11.76
CA GLU B 18 14.04 8.63 12.75
C GLU B 18 13.74 8.00 14.11
N ASP B 19 12.60 8.35 14.70
CA ASP B 19 12.21 7.80 15.99
C ASP B 19 12.09 6.29 15.93
N LEU B 20 11.47 5.80 14.87
CA LEU B 20 11.30 4.36 14.67
C LEU B 20 12.65 3.65 14.58
N LEU B 21 12.77 2.52 15.27
CA LEU B 21 13.99 1.74 15.27
C LEU B 21 14.22 1.08 13.92
N MET B 22 14.69 -0.17 13.92
CA MET B 22 14.96 -0.90 12.69
C MET B 22 15.35 -2.35 12.98
N SER B 23 16.18 -2.54 14.00
CA SER B 23 16.62 -3.88 14.39
C SER B 23 15.43 -4.79 14.68
N GLY B 24 15.55 -6.04 14.27
CA GLY B 24 14.49 -7.01 14.49
C GLY B 24 14.91 -8.43 14.18
N ASP B 25 14.05 -9.15 13.44
CA ASP B 25 14.34 -10.53 13.07
C ASP B 25 13.33 -11.04 12.05
N ASN B 26 13.11 -10.25 11.00
CA ASN B 26 12.17 -10.62 9.94
C ASN B 26 12.61 -11.89 9.23
N GLY B 27 11.64 -12.71 8.87
CA GLY B 27 11.94 -13.96 8.18
C GLY B 27 10.69 -14.63 7.61
N MET B 28 9.67 -14.78 8.46
CA MET B 28 8.42 -15.41 8.04
C MET B 28 7.67 -14.51 7.07
N THR B 29 6.97 -15.13 6.12
CA THR B 29 6.19 -14.37 5.14
C THR B 29 5.22 -13.42 5.84
N GLU B 30 4.50 -13.93 6.83
CA GLU B 30 3.55 -13.10 7.57
C GLU B 30 4.24 -11.91 8.21
N GLU B 31 5.42 -12.14 8.78
CA GLU B 31 6.18 -11.08 9.44
C GLU B 31 6.38 -9.90 8.50
N LYS B 32 6.89 -10.19 7.30
CA LYS B 32 7.15 -9.15 6.31
C LYS B 32 5.82 -8.58 5.81
N LEU B 33 4.88 -9.48 5.52
CA LEU B 33 3.56 -9.08 5.05
C LEU B 33 2.78 -8.33 6.13
N ARG B 34 3.23 -8.45 7.38
CA ARG B 34 2.57 -7.80 8.49
C ARG B 34 2.89 -6.31 8.57
N ARG B 35 4.19 -5.99 8.61
CA ARG B 35 4.62 -4.60 8.70
C ARG B 35 4.41 -3.83 7.41
N TYR B 36 4.91 -4.37 6.29
CA TYR B 36 4.78 -3.71 5.00
C TYR B 36 3.32 -3.45 4.64
N LEU B 37 2.46 -4.44 4.84
CA LEU B 37 1.04 -4.29 4.51
C LEU B 37 0.34 -3.34 5.47
N LYS B 38 0.56 -3.54 6.76
CA LYS B 38 -0.06 -2.66 7.76
C LYS B 38 0.29 -1.21 7.46
N ARG B 39 1.52 -1.01 7.00
CA ARG B 39 1.99 0.33 6.66
C ARG B 39 1.39 0.80 5.35
N THR B 40 1.48 -0.02 4.31
CA THR B 40 0.94 0.33 3.00
C THR B 40 -0.51 0.75 3.10
N VAL B 41 -1.30 -0.07 3.78
CA VAL B 41 -2.71 0.20 3.95
C VAL B 41 -2.95 1.60 4.52
N THR B 42 -2.00 2.08 5.34
CA THR B 42 -2.11 3.42 5.93
C THR B 42 -1.47 4.46 5.01
N GLU B 43 -0.28 4.15 4.50
CA GLU B 43 0.44 5.05 3.59
C GLU B 43 -0.43 5.35 2.38
N LEU B 44 -0.95 4.28 1.79
CA LEU B 44 -1.82 4.38 0.63
C LEU B 44 -2.97 5.33 0.93
N ASP B 45 -3.58 5.12 2.09
CA ASP B 45 -4.69 5.95 2.54
C ASP B 45 -4.22 7.37 2.81
N SER B 46 -2.94 7.50 3.19
CA SER B 46 -2.36 8.80 3.49
C SER B 46 -2.22 9.66 2.24
N VAL B 47 -1.38 9.22 1.31
CA VAL B 47 -1.16 9.97 0.08
C VAL B 47 -2.47 10.24 -0.66
N THR B 48 -3.33 9.23 -0.75
CA THR B 48 -4.61 9.40 -1.43
C THR B 48 -5.44 10.47 -0.73
N ALA B 49 -5.30 10.53 0.59
CA ALA B 49 -6.02 11.51 1.39
C ALA B 49 -5.52 12.92 1.10
N ARG B 50 -4.21 13.06 0.93
CA ARG B 50 -3.60 14.36 0.65
C ARG B 50 -3.73 14.71 -0.83
N LEU B 51 -3.80 13.69 -1.67
CA LEU B 51 -3.92 13.91 -3.12
C LEU B 51 -5.19 14.67 -3.46
N ARG B 52 -6.31 14.26 -2.85
CA ARG B 52 -7.59 14.92 -3.10
C ARG B 52 -7.48 16.42 -2.83
N GLU B 53 -6.77 16.78 -1.77
CA GLU B 53 -6.58 18.18 -1.43
C GLU B 53 -5.63 18.83 -2.44
N VAL B 54 -4.58 18.11 -2.78
CA VAL B 54 -3.60 18.57 -3.75
C VAL B 54 -4.29 18.96 -5.06
N GLU B 55 -5.18 18.09 -5.54
CA GLU B 55 -5.92 18.36 -6.75
C GLU B 55 -7.00 19.40 -6.48
N HIS B 56 -8.27 19.05 -6.71
CA HIS B 56 -9.37 19.98 -6.46
C HIS B 56 -9.19 21.22 -7.34
N ARG B 57 -9.98 21.30 -8.41
CA ARG B 57 -9.89 22.43 -9.33
C ARG B 57 -8.49 22.51 -9.92
N ALA B 58 -7.79 21.38 -9.92
CA ALA B 58 -6.43 21.30 -10.44
C ALA B 58 -5.54 22.39 -9.85
N GLY B 59 -5.66 22.60 -8.54
CA GLY B 59 -4.86 23.60 -7.88
C GLY B 59 -5.17 23.72 -6.40
N GLU B 60 -5.32 24.96 -5.93
CA GLU B 60 -5.62 25.21 -4.53
C GLU B 60 -6.93 24.56 -4.11
N ALA A 1 -8.13 -5.76 15.92
CA ALA A 1 -9.05 -5.47 14.78
C ALA A 1 -8.90 -6.48 13.67
N SER A 2 -10.01 -6.90 13.08
CA SER A 2 -9.98 -7.83 11.98
C SER A 2 -9.20 -7.25 10.82
N ASP A 3 -8.50 -8.09 10.11
CA ASP A 3 -7.70 -7.67 8.98
C ASP A 3 -8.57 -7.35 7.77
N ASP A 4 -9.68 -8.05 7.63
CA ASP A 4 -10.59 -7.85 6.52
C ASP A 4 -11.02 -6.40 6.43
N GLU A 5 -11.27 -5.77 7.57
CA GLU A 5 -11.67 -4.40 7.58
C GLU A 5 -10.64 -3.54 6.85
N LEU A 6 -9.38 -3.94 6.98
CA LEU A 6 -8.26 -3.26 6.34
C LEU A 6 -8.23 -3.59 4.85
N PHE A 7 -8.39 -4.86 4.55
CA PHE A 7 -8.36 -5.32 3.18
C PHE A 7 -9.61 -4.91 2.42
N SER A 8 -10.65 -4.54 3.18
CA SER A 8 -11.90 -4.11 2.58
C SER A 8 -11.75 -2.75 1.90
N MET A 9 -11.20 -1.79 2.63
CA MET A 9 -10.98 -0.48 2.07
C MET A 9 -10.18 -0.61 0.79
N LEU A 10 -9.25 -1.55 0.79
CA LEU A 10 -8.42 -1.83 -0.36
C LEU A 10 -9.28 -2.36 -1.48
N ASP A 11 -10.31 -3.09 -1.08
CA ASP A 11 -11.25 -3.66 -2.02
C ASP A 11 -11.92 -2.55 -2.81
N GLN A 12 -12.19 -1.44 -2.13
CA GLN A 12 -12.84 -0.30 -2.76
C GLN A 12 -11.87 0.50 -3.62
N ARG A 13 -10.66 0.68 -3.13
CA ARG A 13 -9.64 1.44 -3.86
C ARG A 13 -9.16 0.67 -5.07
N PHE A 14 -8.96 -0.62 -4.85
CA PHE A 14 -8.49 -1.51 -5.91
C PHE A 14 -9.60 -1.74 -6.92
N GLY A 15 -10.83 -1.46 -6.48
CA GLY A 15 -11.98 -1.64 -7.35
C GLY A 15 -11.97 -0.71 -8.55
N GLY A 16 -11.73 0.57 -8.30
CA GLY A 16 -11.70 1.55 -9.38
C GLY A 16 -13.10 1.95 -9.83
N GLY A 17 -13.97 0.95 -10.03
CA GLY A 17 -15.33 1.22 -10.45
C GLY A 17 -16.10 -0.05 -10.74
N GLU A 18 -16.01 -0.98 -9.80
CA GLU A 18 -16.71 -2.27 -9.90
C GLU A 18 -16.34 -3.02 -11.18
N ASP A 19 -16.56 -4.33 -11.13
CA ASP A 19 -16.26 -5.20 -12.27
C ASP A 19 -16.49 -6.64 -11.88
N LEU A 20 -15.67 -7.09 -10.97
CA LEU A 20 -15.71 -8.46 -10.47
C LEU A 20 -17.06 -8.78 -9.84
N LEU A 21 -17.53 -10.01 -10.06
CA LEU A 21 -18.81 -10.45 -9.53
C LEU A 21 -18.77 -10.55 -8.01
N MET A 22 -17.66 -11.06 -7.48
CA MET A 22 -17.51 -11.21 -6.03
C MET A 22 -16.05 -11.45 -5.67
N SER A 23 -15.44 -12.41 -6.35
CA SER A 23 -14.04 -12.77 -6.10
C SER A 23 -13.86 -13.36 -4.71
N GLY A 24 -12.98 -14.35 -4.61
CA GLY A 24 -12.73 -14.98 -3.33
C GLY A 24 -11.58 -15.97 -3.39
N ASP A 25 -10.74 -15.96 -2.37
CA ASP A 25 -9.60 -16.87 -2.31
C ASP A 25 -9.26 -17.21 -0.86
N ASN A 26 -10.25 -17.68 -0.13
CA ASN A 26 -10.07 -18.05 1.27
C ASN A 26 -9.07 -19.19 1.41
N GLY A 27 -8.18 -19.08 2.38
CA GLY A 27 -7.18 -20.10 2.60
C GLY A 27 -6.32 -19.82 3.83
N MET A 28 -5.86 -18.59 3.94
CA MET A 28 -5.04 -18.17 5.07
C MET A 28 -4.74 -16.68 5.02
N THR A 29 -4.23 -16.17 6.13
CA THR A 29 -3.88 -14.77 6.26
C THR A 29 -2.86 -14.36 5.19
N GLU A 30 -1.83 -15.18 5.02
CA GLU A 30 -0.76 -14.90 4.04
C GLU A 30 -1.33 -14.61 2.66
N GLU A 31 -2.12 -15.54 2.12
CA GLU A 31 -2.72 -15.38 0.80
C GLU A 31 -3.21 -13.97 0.60
N LYS A 32 -3.88 -13.46 1.60
CA LYS A 32 -4.41 -12.11 1.60
C LYS A 32 -3.24 -11.14 1.64
N LEU A 33 -2.36 -11.37 2.60
CA LEU A 33 -1.17 -10.58 2.79
C LEU A 33 -0.28 -10.55 1.54
N ARG A 34 -0.43 -11.55 0.68
CA ARG A 34 0.37 -11.65 -0.53
C ARG A 34 -0.08 -10.66 -1.59
N ARG A 35 -1.39 -10.62 -1.84
CA ARG A 35 -1.96 -9.73 -2.85
C ARG A 35 -2.11 -8.29 -2.34
N TYR A 36 -2.83 -8.14 -1.23
CA TYR A 36 -3.07 -6.83 -0.63
C TYR A 36 -1.78 -6.06 -0.39
N LEU A 37 -0.71 -6.75 0.00
CA LEU A 37 0.56 -6.08 0.23
C LEU A 37 1.19 -5.62 -1.08
N LYS A 38 1.53 -6.55 -1.95
CA LYS A 38 2.16 -6.22 -3.23
C LYS A 38 1.34 -5.18 -3.97
N ARG A 39 0.03 -5.21 -3.77
CA ARG A 39 -0.85 -4.27 -4.42
C ARG A 39 -0.79 -2.91 -3.75
N THR A 40 -0.98 -2.88 -2.45
CA THR A 40 -0.96 -1.64 -1.71
C THR A 40 0.36 -0.90 -1.82
N VAL A 41 1.47 -1.63 -1.90
CA VAL A 41 2.77 -1.01 -2.00
C VAL A 41 2.88 -0.23 -3.30
N THR A 42 2.50 -0.88 -4.38
CA THR A 42 2.51 -0.26 -5.67
C THR A 42 1.40 0.77 -5.73
N GLU A 43 0.30 0.45 -5.03
CA GLU A 43 -0.84 1.32 -4.91
C GLU A 43 -0.42 2.61 -4.26
N LEU A 44 0.40 2.49 -3.22
CA LEU A 44 0.90 3.63 -2.51
C LEU A 44 2.03 4.24 -3.33
N ASP A 45 2.74 3.38 -4.04
CA ASP A 45 3.81 3.80 -4.92
C ASP A 45 3.22 4.53 -6.13
N SER A 46 1.91 4.35 -6.31
CA SER A 46 1.19 4.96 -7.42
C SER A 46 0.65 6.31 -7.04
N VAL A 47 -0.20 6.33 -6.03
CA VAL A 47 -0.80 7.54 -5.54
C VAL A 47 0.29 8.54 -5.15
N THR A 48 1.29 8.02 -4.47
CA THR A 48 2.43 8.83 -4.05
C THR A 48 3.12 9.43 -5.24
N ALA A 49 3.09 8.66 -6.30
CA ALA A 49 3.73 9.01 -7.54
C ALA A 49 3.02 10.14 -8.27
N ARG A 50 1.70 10.11 -8.27
CA ARG A 50 0.92 11.12 -8.95
C ARG A 50 0.69 12.35 -8.09
N LEU A 51 0.59 12.13 -6.79
CA LEU A 51 0.35 13.21 -5.83
C LEU A 51 1.47 14.26 -5.84
N ARG A 52 2.69 13.79 -5.97
CA ARG A 52 3.85 14.67 -5.96
C ARG A 52 3.84 15.65 -7.12
N GLU A 53 3.20 15.25 -8.22
CA GLU A 53 3.12 16.10 -9.39
C GLU A 53 1.86 16.92 -9.34
N VAL A 54 0.82 16.34 -8.76
CA VAL A 54 -0.44 17.02 -8.67
C VAL A 54 -0.23 18.37 -7.98
N GLU A 55 0.30 18.31 -6.77
CA GLU A 55 0.60 19.52 -6.03
C GLU A 55 1.72 20.26 -6.73
N HIS A 56 2.89 20.23 -6.14
CA HIS A 56 4.06 20.87 -6.72
C HIS A 56 3.73 22.34 -7.03
N ARG A 57 2.74 22.84 -6.31
CA ARG A 57 2.28 24.21 -6.45
C ARG A 57 1.10 24.44 -5.51
N ALA A 58 0.40 23.35 -5.22
CA ALA A 58 -0.77 23.39 -4.34
C ALA A 58 -1.85 24.32 -4.88
N GLY A 59 -2.42 25.14 -4.00
CA GLY A 59 -3.45 26.08 -4.43
C GLY A 59 -3.97 26.94 -3.29
N GLU A 60 -4.27 26.29 -2.15
CA GLU A 60 -4.77 27.00 -0.99
C GLU A 60 -4.89 26.06 0.21
N ALA B 1 8.19 -13.47 -9.04
CA ALA B 1 9.03 -12.32 -8.64
C ALA B 1 9.26 -12.30 -7.12
N SER B 2 10.50 -12.05 -6.72
CA SER B 2 10.85 -12.00 -5.30
C SER B 2 10.05 -10.92 -4.58
N ASP B 3 9.49 -11.28 -3.43
CA ASP B 3 8.70 -10.35 -2.63
C ASP B 3 9.57 -9.20 -2.14
N ASP B 4 10.82 -9.51 -1.81
CA ASP B 4 11.76 -8.50 -1.31
C ASP B 4 11.80 -7.29 -2.23
N GLU B 5 11.79 -7.54 -3.54
CA GLU B 5 11.81 -6.47 -4.52
C GLU B 5 10.66 -5.51 -4.29
N LEU B 6 9.48 -6.07 -4.01
CA LEU B 6 8.30 -5.27 -3.76
C LEU B 6 8.45 -4.48 -2.47
N PHE B 7 8.87 -5.17 -1.41
CA PHE B 7 9.07 -4.54 -0.11
C PHE B 7 10.10 -3.42 -0.20
N SER B 8 11.07 -3.59 -1.09
CA SER B 8 12.13 -2.61 -1.27
C SER B 8 11.54 -1.25 -1.61
N MET B 9 10.50 -1.24 -2.44
CA MET B 9 9.84 -0.01 -2.84
C MET B 9 9.39 0.77 -1.61
N LEU B 10 8.82 0.06 -0.65
CA LEU B 10 8.35 0.67 0.59
C LEU B 10 9.50 1.22 1.40
N ASP B 11 10.63 0.51 1.37
CA ASP B 11 11.80 0.94 2.12
C ASP B 11 12.17 2.39 1.80
N GLN B 12 12.01 2.77 0.53
CA GLN B 12 12.32 4.13 0.09
C GLN B 12 11.22 5.12 0.47
N ARG B 13 9.98 4.80 0.11
CA ARG B 13 8.85 5.68 0.40
C ARG B 13 8.64 5.84 1.90
N PHE B 14 8.68 4.72 2.62
CA PHE B 14 8.48 4.72 4.07
C PHE B 14 9.69 5.35 4.77
N GLY B 15 10.81 5.40 4.07
CA GLY B 15 12.02 5.98 4.64
C GLY B 15 11.86 7.46 4.91
N GLY B 16 11.26 8.18 3.97
CA GLY B 16 11.06 9.60 4.13
C GLY B 16 12.31 10.42 3.84
N GLY B 17 13.42 9.99 4.41
CA GLY B 17 14.68 10.70 4.20
C GLY B 17 15.83 10.07 4.96
N GLU B 18 15.89 8.75 4.98
CA GLU B 18 16.95 8.02 5.67
C GLU B 18 16.93 8.29 7.17
N ASP B 19 17.18 7.26 7.96
CA ASP B 19 17.20 7.38 9.42
C ASP B 19 17.72 6.10 10.06
N LEU B 20 17.12 4.97 9.71
CA LEU B 20 17.54 3.68 10.26
C LEU B 20 18.91 3.29 9.74
N LEU B 21 19.74 2.75 10.63
CA LEU B 21 21.09 2.33 10.26
C LEU B 21 21.02 1.23 9.20
N MET B 22 20.06 0.33 9.34
CA MET B 22 19.88 -0.77 8.39
C MET B 22 18.56 -1.50 8.65
N SER B 23 18.31 -1.82 9.92
CA SER B 23 17.08 -2.52 10.31
C SER B 23 16.98 -3.90 9.67
N GLY B 24 16.43 -4.84 10.42
CA GLY B 24 16.26 -6.20 9.91
C GLY B 24 15.49 -7.09 10.87
N ASP B 25 14.43 -7.72 10.36
CA ASP B 25 13.60 -8.60 11.17
C ASP B 25 13.30 -9.90 10.43
N ASN B 26 14.35 -10.55 9.93
CA ASN B 26 14.19 -11.80 9.21
C ASN B 26 13.53 -12.87 10.08
N GLY B 27 12.61 -13.62 9.49
CA GLY B 27 11.91 -14.67 10.24
C GLY B 27 10.94 -15.45 9.38
N MET B 28 10.10 -14.74 8.63
CA MET B 28 9.12 -15.39 7.76
C MET B 28 8.36 -14.36 6.94
N THR B 29 7.81 -14.80 5.81
CA THR B 29 7.06 -13.92 4.91
C THR B 29 5.99 -13.13 5.65
N GLU B 30 5.26 -13.80 6.54
CA GLU B 30 4.19 -13.15 7.30
C GLU B 30 4.70 -11.91 8.03
N GLU B 31 5.90 -12.01 8.62
CA GLU B 31 6.47 -10.88 9.35
C GLU B 31 6.44 -9.62 8.48
N LYS B 32 6.93 -9.73 7.25
CA LYS B 32 6.93 -8.61 6.33
C LYS B 32 5.49 -8.28 5.94
N LEU B 33 4.70 -9.33 5.74
CA LEU B 33 3.30 -9.19 5.38
C LEU B 33 2.53 -8.43 6.46
N ARG B 34 3.02 -8.51 7.69
CA ARG B 34 2.36 -7.86 8.82
C ARG B 34 2.65 -6.36 8.86
N ARG B 35 3.93 -6.00 8.90
CA ARG B 35 4.33 -4.60 8.98
C ARG B 35 4.10 -3.86 7.67
N TYR B 36 4.62 -4.39 6.57
CA TYR B 36 4.47 -3.73 5.27
C TYR B 36 3.00 -3.55 4.88
N LEU B 37 2.16 -4.55 5.14
CA LEU B 37 0.76 -4.46 4.79
C LEU B 37 0.05 -3.36 5.58
N LYS B 38 0.14 -3.41 6.90
CA LYS B 38 -0.50 -2.40 7.74
C LYS B 38 0.00 -1.01 7.37
N ARG B 39 1.29 -0.93 7.05
CA ARG B 39 1.90 0.33 6.67
C ARG B 39 1.42 0.78 5.29
N THR B 40 1.27 -0.17 4.37
CA THR B 40 0.84 0.12 3.02
C THR B 40 -0.61 0.57 2.96
N VAL B 41 -1.53 -0.25 3.47
CA VAL B 41 -2.94 0.10 3.44
C VAL B 41 -3.14 1.49 4.03
N THR B 42 -2.38 1.80 5.08
CA THR B 42 -2.43 3.11 5.70
C THR B 42 -1.71 4.12 4.83
N GLU B 43 -0.63 3.67 4.20
CA GLU B 43 0.16 4.51 3.32
C GLU B 43 -0.73 5.03 2.19
N LEU B 44 -1.62 4.16 1.72
CA LEU B 44 -2.56 4.52 0.67
C LEU B 44 -3.47 5.62 1.17
N ASP B 45 -4.08 5.36 2.32
CA ASP B 45 -4.98 6.30 2.95
C ASP B 45 -4.31 7.67 3.05
N SER B 46 -2.99 7.66 3.21
CA SER B 46 -2.23 8.90 3.31
C SER B 46 -2.12 9.59 1.95
N VAL B 47 -1.50 8.92 0.98
CA VAL B 47 -1.33 9.49 -0.35
C VAL B 47 -2.67 9.89 -0.97
N THR B 48 -3.65 8.99 -0.91
CA THR B 48 -4.97 9.25 -1.48
C THR B 48 -5.64 10.43 -0.80
N ALA B 49 -5.49 10.54 0.52
CA ALA B 49 -6.10 11.62 1.28
C ALA B 49 -5.58 12.98 0.83
N ARG B 50 -4.26 13.07 0.66
CA ARG B 50 -3.63 14.31 0.24
C ARG B 50 -3.78 14.52 -1.27
N LEU B 51 -3.80 13.42 -2.01
CA LEU B 51 -3.94 13.49 -3.46
C LEU B 51 -5.27 14.13 -3.87
N ARG B 52 -6.35 13.66 -3.27
CA ARG B 52 -7.67 14.20 -3.57
C ARG B 52 -7.72 15.71 -3.34
N GLU B 53 -6.99 16.18 -2.34
CA GLU B 53 -6.96 17.59 -2.01
C GLU B 53 -6.05 18.39 -2.94
N VAL B 54 -4.84 17.88 -3.21
CA VAL B 54 -3.90 18.59 -4.08
C VAL B 54 -4.55 18.90 -5.42
N GLU B 55 -5.23 17.91 -5.99
CA GLU B 55 -5.93 18.11 -7.26
C GLU B 55 -7.20 18.91 -7.03
N HIS B 56 -8.36 18.33 -7.34
CA HIS B 56 -9.63 19.03 -7.15
C HIS B 56 -9.63 20.34 -7.93
N ARG B 57 -8.85 20.36 -9.01
CA ARG B 57 -8.73 21.53 -9.87
C ARG B 57 -7.72 21.26 -10.97
N ALA B 58 -6.70 20.46 -10.63
CA ALA B 58 -5.65 20.11 -11.58
C ALA B 58 -4.89 21.34 -12.05
N GLY B 59 -4.57 21.39 -13.34
CA GLY B 59 -3.85 22.52 -13.89
C GLY B 59 -3.62 22.39 -15.38
N GLU B 60 -3.22 21.20 -15.81
CA GLU B 60 -2.96 20.94 -17.22
C GLU B 60 -2.69 19.46 -17.46
N ALA A 1 -7.93 -3.73 15.63
CA ALA A 1 -8.87 -3.64 14.48
C ALA A 1 -8.69 -4.81 13.53
N SER A 2 -9.81 -5.34 13.04
CA SER A 2 -9.76 -6.45 12.10
C SER A 2 -9.02 -6.03 10.86
N ASP A 3 -8.31 -6.96 10.27
CA ASP A 3 -7.53 -6.70 9.07
C ASP A 3 -8.44 -6.50 7.86
N ASP A 4 -9.54 -7.22 7.82
CA ASP A 4 -10.49 -7.13 6.72
C ASP A 4 -10.98 -5.70 6.56
N GLU A 5 -11.18 -5.01 7.67
CA GLU A 5 -11.65 -3.64 7.61
C GLU A 5 -10.71 -2.80 6.75
N LEU A 6 -9.43 -3.11 6.85
CA LEU A 6 -8.41 -2.41 6.07
C LEU A 6 -8.36 -2.94 4.66
N PHE A 7 -8.46 -4.25 4.54
CA PHE A 7 -8.43 -4.91 3.26
C PHE A 7 -9.68 -4.60 2.45
N SER A 8 -10.73 -4.19 3.13
CA SER A 8 -11.99 -3.86 2.49
C SER A 8 -11.86 -2.60 1.66
N MET A 9 -11.37 -1.53 2.26
CA MET A 9 -11.18 -0.28 1.54
C MET A 9 -10.33 -0.56 0.31
N LEU A 10 -9.34 -1.44 0.48
CA LEU A 10 -8.46 -1.83 -0.61
C LEU A 10 -9.28 -2.52 -1.67
N ASP A 11 -10.25 -3.27 -1.21
CA ASP A 11 -11.15 -3.98 -2.09
C ASP A 11 -11.86 -3.01 -3.03
N GLN A 12 -12.15 -1.84 -2.51
CA GLN A 12 -12.83 -0.81 -3.26
C GLN A 12 -11.91 -0.08 -4.23
N ARG A 13 -10.69 0.17 -3.80
CA ARG A 13 -9.71 0.88 -4.61
C ARG A 13 -9.08 -0.04 -5.66
N PHE A 14 -8.83 -1.26 -5.24
CA PHE A 14 -8.21 -2.26 -6.10
C PHE A 14 -9.16 -2.69 -7.19
N GLY A 15 -10.44 -2.38 -7.02
CA GLY A 15 -11.43 -2.77 -8.02
C GLY A 15 -12.83 -2.26 -7.73
N GLY A 16 -13.14 -2.07 -6.45
CA GLY A 16 -14.46 -1.61 -6.08
C GLY A 16 -15.55 -2.60 -6.43
N GLY A 17 -15.29 -3.87 -6.16
CA GLY A 17 -16.26 -4.91 -6.45
C GLY A 17 -15.72 -6.30 -6.16
N GLU A 18 -16.52 -7.13 -5.50
CA GLU A 18 -16.12 -8.48 -5.16
C GLU A 18 -15.67 -9.26 -6.38
N ASP A 19 -14.84 -10.25 -6.14
CA ASP A 19 -14.29 -11.10 -7.21
C ASP A 19 -13.26 -12.04 -6.66
N LEU A 20 -12.15 -11.44 -6.25
CA LEU A 20 -11.04 -12.17 -5.67
C LEU A 20 -10.39 -13.12 -6.68
N LEU A 21 -9.08 -13.20 -6.63
CA LEU A 21 -8.32 -14.05 -7.53
C LEU A 21 -8.58 -15.53 -7.26
N MET A 22 -8.60 -15.89 -5.97
CA MET A 22 -8.84 -17.27 -5.55
C MET A 22 -7.62 -18.15 -5.79
N SER A 23 -6.99 -18.01 -6.95
CA SER A 23 -5.81 -18.78 -7.30
C SER A 23 -4.64 -18.41 -6.39
N GLY A 24 -3.86 -19.43 -6.01
CA GLY A 24 -2.70 -19.21 -5.16
C GLY A 24 -2.03 -20.50 -4.75
N ASP A 25 -1.59 -20.57 -3.50
CA ASP A 25 -0.92 -21.76 -2.99
C ASP A 25 -0.68 -21.64 -1.49
N ASN A 26 -1.72 -21.21 -0.79
CA ASN A 26 -1.65 -21.05 0.66
C ASN A 26 -3.02 -21.30 1.28
N GLY A 27 -3.27 -20.69 2.43
CA GLY A 27 -4.54 -20.86 3.10
C GLY A 27 -4.56 -20.27 4.50
N MET A 28 -3.97 -19.09 4.65
CA MET A 28 -3.91 -18.43 5.95
C MET A 28 -3.84 -16.90 5.79
N THR A 29 -3.21 -16.26 6.75
CA THR A 29 -3.05 -14.80 6.73
C THR A 29 -2.26 -14.36 5.50
N GLU A 30 -1.19 -15.09 5.20
CA GLU A 30 -0.33 -14.81 4.06
C GLU A 30 -1.15 -14.54 2.80
N GLU A 31 -2.02 -15.49 2.48
CA GLU A 31 -2.87 -15.40 1.28
C GLU A 31 -3.43 -14.00 1.08
N LYS A 32 -4.11 -13.49 2.09
CA LYS A 32 -4.69 -12.15 2.03
C LYS A 32 -3.55 -11.14 1.91
N LEU A 33 -2.59 -11.27 2.81
CA LEU A 33 -1.42 -10.41 2.83
C LEU A 33 -0.62 -10.49 1.53
N ARG A 34 -0.88 -11.54 0.75
CA ARG A 34 -0.17 -11.74 -0.51
C ARG A 34 -0.65 -10.75 -1.57
N ARG A 35 -1.97 -10.64 -1.73
CA ARG A 35 -2.56 -9.74 -2.72
C ARG A 35 -2.64 -8.30 -2.20
N TYR A 36 -3.30 -8.11 -1.07
CA TYR A 36 -3.48 -6.80 -0.48
C TYR A 36 -2.16 -6.05 -0.32
N LEU A 37 -1.17 -6.66 0.32
CA LEU A 37 0.11 -6.00 0.51
C LEU A 37 0.76 -5.62 -0.81
N LYS A 38 1.01 -6.62 -1.65
CA LYS A 38 1.64 -6.38 -2.94
C LYS A 38 0.91 -5.30 -3.72
N ARG A 39 -0.41 -5.28 -3.59
CA ARG A 39 -1.24 -4.31 -4.29
C ARG A 39 -1.15 -2.91 -3.72
N THR A 40 -1.50 -2.74 -2.44
CA THR A 40 -1.46 -1.42 -1.84
C THR A 40 -0.07 -0.82 -1.83
N VAL A 41 0.95 -1.65 -1.95
CA VAL A 41 2.32 -1.18 -1.98
C VAL A 41 2.58 -0.40 -3.26
N THR A 42 2.23 -1.00 -4.37
CA THR A 42 2.39 -0.35 -5.64
C THR A 42 1.30 0.71 -5.77
N GLU A 43 0.13 0.39 -5.22
CA GLU A 43 -0.98 1.28 -5.22
C GLU A 43 -0.60 2.55 -4.48
N LEU A 44 0.15 2.39 -3.39
CA LEU A 44 0.61 3.54 -2.63
C LEU A 44 1.76 4.17 -3.40
N ASP A 45 2.56 3.31 -4.03
CA ASP A 45 3.69 3.74 -4.84
C ASP A 45 3.17 4.44 -6.09
N SER A 46 1.87 4.27 -6.32
CA SER A 46 1.21 4.85 -7.48
C SER A 46 0.66 6.22 -7.14
N VAL A 47 -0.18 6.25 -6.12
CA VAL A 47 -0.78 7.48 -5.65
C VAL A 47 0.30 8.47 -5.27
N THR A 48 1.28 7.96 -4.57
CA THR A 48 2.43 8.74 -4.12
C THR A 48 3.16 9.30 -5.30
N ALA A 49 3.19 8.49 -6.32
CA ALA A 49 3.86 8.80 -7.54
C ALA A 49 3.15 9.89 -8.34
N ARG A 50 1.82 9.90 -8.27
CA ARG A 50 1.04 10.86 -9.00
C ARG A 50 0.82 12.13 -8.18
N LEU A 51 0.78 11.95 -6.87
CA LEU A 51 0.56 13.06 -5.93
C LEU A 51 1.52 14.21 -6.19
N ARG A 52 2.75 13.85 -6.52
CA ARG A 52 3.81 14.82 -6.79
C ARG A 52 3.47 15.70 -7.98
N GLU A 53 2.81 15.11 -8.97
CA GLU A 53 2.45 15.80 -10.18
C GLU A 53 1.09 16.42 -10.05
N VAL A 54 0.26 15.77 -9.25
CA VAL A 54 -1.08 16.25 -9.03
C VAL A 54 -1.04 17.66 -8.47
N GLU A 55 -0.21 17.86 -7.47
CA GLU A 55 -0.06 19.16 -6.86
C GLU A 55 0.37 20.16 -7.91
N HIS A 56 1.32 19.72 -8.69
CA HIS A 56 1.90 20.49 -9.76
C HIS A 56 0.86 20.91 -10.79
N ARG A 57 0.60 20.03 -11.76
CA ARG A 57 -0.37 20.29 -12.82
C ARG A 57 -1.80 20.01 -12.36
N ALA A 58 -2.18 20.58 -11.23
CA ALA A 58 -3.53 20.40 -10.69
C ALA A 58 -4.59 20.68 -11.75
N GLY A 59 -4.40 21.77 -12.50
CA GLY A 59 -5.34 22.12 -13.54
C GLY A 59 -4.96 23.41 -14.25
N GLU A 60 -5.95 24.28 -14.47
CA GLU A 60 -5.71 25.56 -15.14
C GLU A 60 -6.96 26.42 -15.11
N ALA B 1 7.65 -11.67 -10.11
CA ALA B 1 8.56 -10.65 -9.55
C ALA B 1 8.77 -10.87 -8.05
N SER B 2 10.01 -10.76 -7.61
CA SER B 2 10.35 -10.95 -6.20
C SER B 2 9.61 -9.93 -5.34
N ASP B 3 9.05 -10.41 -4.23
CA ASP B 3 8.31 -9.55 -3.32
C ASP B 3 9.23 -8.48 -2.74
N ASP B 4 10.48 -8.85 -2.49
CA ASP B 4 11.47 -7.92 -1.93
C ASP B 4 11.60 -6.67 -2.80
N GLU B 5 11.55 -6.86 -4.12
CA GLU B 5 11.66 -5.74 -5.06
C GLU B 5 10.62 -4.67 -4.74
N LEU B 6 9.37 -5.11 -4.59
CA LEU B 6 8.28 -4.18 -4.28
C LEU B 6 8.46 -3.63 -2.88
N PHE B 7 8.77 -4.52 -1.94
CA PHE B 7 8.98 -4.13 -0.56
C PHE B 7 10.06 -3.07 -0.44
N SER B 8 11.02 -3.10 -1.36
CA SER B 8 12.09 -2.11 -1.37
C SER B 8 11.52 -0.72 -1.55
N MET B 9 10.50 -0.61 -2.40
CA MET B 9 9.85 0.68 -2.66
C MET B 9 9.37 1.29 -1.35
N LEU B 10 8.77 0.46 -0.51
CA LEU B 10 8.26 0.92 0.78
C LEU B 10 9.41 1.31 1.70
N ASP B 11 10.48 0.54 1.66
CA ASP B 11 11.65 0.79 2.50
C ASP B 11 12.11 2.24 2.38
N GLN B 12 11.95 2.82 1.20
CA GLN B 12 12.36 4.19 0.95
C GLN B 12 11.34 5.21 1.45
N ARG B 13 10.08 5.02 1.07
CA ARG B 13 9.00 5.94 1.46
C ARG B 13 8.68 5.85 2.95
N PHE B 14 8.70 4.63 3.48
CA PHE B 14 8.39 4.40 4.89
C PHE B 14 9.48 4.92 5.81
N GLY B 15 10.68 5.15 5.27
CA GLY B 15 11.77 5.65 6.09
C GLY B 15 12.97 6.06 5.27
N GLY B 16 13.24 5.33 4.19
CA GLY B 16 14.37 5.64 3.34
C GLY B 16 15.69 5.32 4.02
N GLY B 17 15.74 4.17 4.68
CA GLY B 17 16.95 3.76 5.37
C GLY B 17 16.78 2.43 6.09
N GLU B 18 17.77 1.56 5.94
CA GLU B 18 17.73 0.24 6.57
C GLU B 18 17.63 0.37 8.09
N ASP B 19 16.84 -0.51 8.70
CA ASP B 19 16.66 -0.51 10.15
C ASP B 19 15.86 -1.72 10.60
N LEU B 20 14.65 -1.86 10.05
CA LEU B 20 13.77 -2.98 10.39
C LEU B 20 13.41 -2.99 11.87
N LEU B 21 12.13 -3.22 12.17
CA LEU B 21 11.67 -3.27 13.55
C LEU B 21 12.31 -4.45 14.28
N MET B 22 12.40 -5.58 13.60
CA MET B 22 12.99 -6.80 14.15
C MET B 22 12.05 -7.46 15.16
N SER B 23 11.48 -6.66 16.06
CA SER B 23 10.57 -7.17 17.08
C SER B 23 9.32 -7.75 16.42
N GLY B 24 8.90 -8.91 16.91
CA GLY B 24 7.72 -9.56 16.35
C GLY B 24 7.37 -10.85 17.08
N ASP B 25 7.14 -11.91 16.32
CA ASP B 25 6.78 -13.21 16.90
C ASP B 25 6.81 -14.30 15.84
N ASN B 26 6.44 -13.95 14.62
CA ASN B 26 6.43 -14.91 13.52
C ASN B 26 7.84 -15.26 13.06
N GLY B 27 7.98 -15.57 11.77
CA GLY B 27 9.29 -15.92 11.23
C GLY B 27 9.20 -16.49 9.83
N MET B 28 8.33 -15.91 9.01
CA MET B 28 8.14 -16.36 7.63
C MET B 28 7.66 -15.22 6.74
N THR B 29 6.77 -15.53 5.80
CA THR B 29 6.24 -14.52 4.89
C THR B 29 5.37 -13.51 5.63
N GLU B 30 4.56 -14.01 6.57
CA GLU B 30 3.68 -13.15 7.35
C GLU B 30 4.44 -12.02 8.00
N GLU B 31 5.65 -12.31 8.51
CA GLU B 31 6.47 -11.30 9.16
C GLU B 31 6.67 -10.11 8.24
N LYS B 32 7.10 -10.39 7.01
CA LYS B 32 7.32 -9.35 6.01
C LYS B 32 6.00 -8.67 5.66
N LEU B 33 4.97 -9.49 5.48
CA LEU B 33 3.63 -9.01 5.14
C LEU B 33 2.96 -8.31 6.33
N ARG B 34 3.51 -8.50 7.52
CA ARG B 34 2.94 -7.91 8.72
C ARG B 34 3.18 -6.40 8.77
N ARG B 35 4.44 -5.99 8.68
CA ARG B 35 4.80 -4.58 8.73
C ARG B 35 4.54 -3.87 7.41
N TYR B 36 5.06 -4.42 6.32
CA TYR B 36 4.90 -3.80 5.01
C TYR B 36 3.44 -3.58 4.64
N LEU B 37 2.58 -4.58 4.85
CA LEU B 37 1.17 -4.46 4.51
C LEU B 37 0.46 -3.46 5.40
N LYS B 38 0.63 -3.58 6.70
CA LYS B 38 -0.01 -2.67 7.64
C LYS B 38 0.40 -1.23 7.33
N ARG B 39 1.66 -1.06 6.93
CA ARG B 39 2.19 0.26 6.61
C ARG B 39 1.67 0.75 5.26
N THR B 40 1.80 -0.07 4.23
CA THR B 40 1.34 0.31 2.89
C THR B 40 -0.15 0.61 2.88
N VAL B 41 -0.90 -0.15 3.65
CA VAL B 41 -2.34 0.04 3.73
C VAL B 41 -2.66 1.44 4.25
N THR B 42 -1.91 1.88 5.27
CA THR B 42 -2.12 3.20 5.84
C THR B 42 -1.51 4.29 4.94
N GLU B 43 -0.29 4.05 4.49
CA GLU B 43 0.40 4.99 3.60
C GLU B 43 -0.43 5.23 2.35
N LEU B 44 -1.00 4.16 1.84
CA LEU B 44 -1.85 4.23 0.66
C LEU B 44 -3.04 5.14 0.94
N ASP B 45 -3.67 4.90 2.08
CA ASP B 45 -4.81 5.68 2.52
C ASP B 45 -4.41 7.12 2.78
N SER B 46 -3.15 7.31 3.17
CA SER B 46 -2.64 8.64 3.47
C SER B 46 -2.44 9.46 2.19
N VAL B 47 -1.58 8.95 1.30
CA VAL B 47 -1.29 9.65 0.04
C VAL B 47 -2.57 9.88 -0.76
N THR B 48 -3.45 8.89 -0.79
CA THR B 48 -4.71 9.02 -1.52
C THR B 48 -5.58 10.09 -0.88
N ALA B 49 -5.53 10.14 0.45
CA ALA B 49 -6.30 11.13 1.22
C ALA B 49 -5.81 12.54 0.92
N ARG B 50 -4.49 12.67 0.78
CA ARG B 50 -3.89 13.97 0.51
C ARG B 50 -4.06 14.35 -0.97
N LEU B 51 -4.17 13.34 -1.83
CA LEU B 51 -4.31 13.55 -3.27
C LEU B 51 -5.45 14.51 -3.58
N ARG B 52 -6.60 14.29 -2.96
CA ARG B 52 -7.78 15.14 -3.19
C ARG B 52 -7.46 16.60 -2.92
N GLU B 53 -6.73 16.86 -1.84
CA GLU B 53 -6.37 18.23 -1.47
C GLU B 53 -5.21 18.76 -2.30
N VAL B 54 -4.25 17.89 -2.61
CA VAL B 54 -3.09 18.28 -3.40
C VAL B 54 -3.49 18.93 -4.72
N GLU B 55 -4.45 18.34 -5.41
CA GLU B 55 -4.92 18.91 -6.67
C GLU B 55 -5.70 20.19 -6.42
N HIS B 56 -6.50 20.18 -5.36
CA HIS B 56 -7.31 21.35 -5.00
C HIS B 56 -6.42 22.55 -4.67
N ARG B 57 -5.87 22.55 -3.45
CA ARG B 57 -4.99 23.63 -3.02
C ARG B 57 -3.56 23.38 -3.49
N ALA B 58 -3.41 23.15 -4.79
CA ALA B 58 -2.09 22.89 -5.37
C ALA B 58 -1.09 23.96 -4.99
N GLY B 59 -1.50 25.22 -5.10
CA GLY B 59 -0.62 26.32 -4.75
C GLY B 59 -1.25 27.67 -4.99
N GLU B 60 -0.50 28.58 -5.61
CA GLU B 60 -1.01 29.92 -5.91
C GLU B 60 0.00 30.70 -6.73
N ALA A 1 -7.98 -4.23 15.70
CA ALA A 1 -8.90 -3.94 14.58
C ALA A 1 -8.87 -5.05 13.54
N SER A 2 -10.04 -5.39 13.00
CA SER A 2 -10.13 -6.41 11.98
C SER A 2 -9.32 -5.99 10.78
N ASP A 3 -8.72 -6.97 10.13
CA ASP A 3 -7.90 -6.71 8.96
C ASP A 3 -8.77 -6.35 7.75
N ASP A 4 -9.96 -6.91 7.69
CA ASP A 4 -10.88 -6.64 6.58
C ASP A 4 -11.17 -5.15 6.48
N GLU A 5 -11.24 -4.47 7.60
CA GLU A 5 -11.52 -3.06 7.59
C GLU A 5 -10.52 -2.33 6.71
N LEU A 6 -9.33 -2.89 6.61
CA LEU A 6 -8.25 -2.31 5.81
C LEU A 6 -8.27 -2.86 4.39
N PHE A 7 -8.53 -4.15 4.27
CA PHE A 7 -8.55 -4.81 2.99
C PHE A 7 -9.80 -4.44 2.19
N SER A 8 -10.89 -4.21 2.89
CA SER A 8 -12.15 -3.85 2.27
C SER A 8 -12.01 -2.59 1.44
N MET A 9 -11.43 -1.54 2.02
CA MET A 9 -11.23 -0.31 1.30
C MET A 9 -10.40 -0.60 0.04
N LEU A 10 -9.48 -1.55 0.17
CA LEU A 10 -8.64 -1.96 -0.94
C LEU A 10 -9.48 -2.68 -1.97
N ASP A 11 -10.49 -3.38 -1.48
CA ASP A 11 -11.40 -4.12 -2.33
C ASP A 11 -12.07 -3.19 -3.33
N GLN A 12 -12.43 -2.01 -2.86
CA GLN A 12 -13.11 -1.03 -3.71
C GLN A 12 -12.15 -0.30 -4.64
N ARG A 13 -10.95 -0.05 -4.14
CA ARG A 13 -9.94 0.65 -4.92
C ARG A 13 -9.30 -0.27 -5.94
N PHE A 14 -9.03 -1.49 -5.51
CA PHE A 14 -8.42 -2.51 -6.34
C PHE A 14 -9.40 -3.01 -7.39
N GLY A 15 -10.69 -2.80 -7.13
CA GLY A 15 -11.72 -3.24 -8.05
C GLY A 15 -13.12 -3.01 -7.55
N GLY A 16 -13.51 -1.74 -7.45
CA GLY A 16 -14.85 -1.40 -6.97
C GLY A 16 -15.93 -2.11 -7.75
N GLY A 17 -15.68 -2.36 -9.02
CA GLY A 17 -16.66 -3.02 -9.87
C GLY A 17 -17.00 -4.43 -9.40
N GLU A 18 -16.82 -5.41 -10.29
CA GLU A 18 -17.13 -6.81 -9.99
C GLU A 18 -18.38 -6.95 -9.13
N ASP A 19 -18.38 -7.93 -8.24
CA ASP A 19 -19.53 -8.18 -7.36
C ASP A 19 -19.28 -9.38 -6.48
N LEU A 20 -19.01 -10.47 -7.15
CA LEU A 20 -18.75 -11.75 -6.50
C LEU A 20 -17.69 -11.63 -5.42
N LEU A 21 -17.93 -12.29 -4.30
CA LEU A 21 -17.01 -12.28 -3.17
C LEU A 21 -15.67 -12.91 -3.54
N MET A 22 -15.72 -14.03 -4.27
CA MET A 22 -14.53 -14.75 -4.70
C MET A 22 -13.89 -15.52 -3.55
N SER A 23 -13.55 -14.81 -2.48
CA SER A 23 -12.95 -15.42 -1.31
C SER A 23 -13.91 -16.36 -0.60
N GLY A 24 -13.79 -16.46 0.71
CA GLY A 24 -14.66 -17.33 1.48
C GLY A 24 -14.45 -18.79 1.15
N ASP A 25 -13.19 -19.20 1.10
CA ASP A 25 -12.84 -20.59 0.79
C ASP A 25 -11.35 -20.83 1.05
N ASN A 26 -10.96 -20.74 2.31
CA ASN A 26 -9.57 -20.94 2.72
C ASN A 26 -8.70 -19.75 2.28
N GLY A 27 -7.88 -19.26 3.21
CA GLY A 27 -7.02 -18.13 2.91
C GLY A 27 -6.56 -17.43 4.17
N MET A 28 -5.46 -17.93 4.74
CA MET A 28 -4.91 -17.36 5.96
C MET A 28 -4.58 -15.88 5.81
N THR A 29 -3.69 -15.41 6.67
CA THR A 29 -3.27 -14.02 6.67
C THR A 29 -2.49 -13.67 5.40
N GLU A 30 -1.48 -14.49 5.09
CA GLU A 30 -0.65 -14.30 3.91
C GLU A 30 -1.51 -14.16 2.66
N GLU A 31 -2.31 -15.19 2.41
CA GLU A 31 -3.19 -15.23 1.24
C GLU A 31 -3.85 -13.88 0.98
N LYS A 32 -4.41 -13.30 2.03
CA LYS A 32 -5.06 -12.01 1.92
C LYS A 32 -4.00 -10.94 1.66
N LEU A 33 -2.98 -10.99 2.50
CA LEU A 33 -1.86 -10.07 2.44
C LEU A 33 -1.19 -10.08 1.06
N ARG A 34 -1.43 -11.14 0.30
CA ARG A 34 -0.83 -11.28 -1.01
C ARG A 34 -1.55 -10.42 -2.06
N ARG A 35 -2.88 -10.45 -2.02
CA ARG A 35 -3.70 -9.71 -2.98
C ARG A 35 -3.96 -8.27 -2.55
N TYR A 36 -4.11 -8.04 -1.25
CA TYR A 36 -4.40 -6.73 -0.71
C TYR A 36 -3.16 -5.90 -0.46
N LEU A 37 -2.33 -6.40 0.42
CA LEU A 37 -1.13 -5.68 0.82
C LEU A 37 -0.05 -5.65 -0.25
N LYS A 38 0.31 -6.80 -0.80
CA LYS A 38 1.35 -6.82 -1.83
C LYS A 38 0.99 -5.81 -2.91
N ARG A 39 -0.32 -5.58 -3.07
CA ARG A 39 -0.83 -4.65 -4.06
C ARG A 39 -0.84 -3.21 -3.56
N THR A 40 -1.31 -2.98 -2.34
CA THR A 40 -1.38 -1.62 -1.83
C THR A 40 0.00 -0.95 -1.76
N VAL A 41 1.06 -1.75 -1.80
CA VAL A 41 2.41 -1.19 -1.77
C VAL A 41 2.69 -0.44 -3.04
N THR A 42 2.42 -1.08 -4.16
CA THR A 42 2.60 -0.44 -5.45
C THR A 42 1.49 0.58 -5.63
N GLU A 43 0.32 0.25 -5.06
CA GLU A 43 -0.83 1.10 -5.10
C GLU A 43 -0.50 2.40 -4.39
N LEU A 44 0.24 2.29 -3.27
CA LEU A 44 0.65 3.47 -2.54
C LEU A 44 1.77 4.13 -3.32
N ASP A 45 2.59 3.28 -3.94
CA ASP A 45 3.69 3.73 -4.77
C ASP A 45 3.14 4.38 -6.03
N SER A 46 1.85 4.16 -6.25
CA SER A 46 1.16 4.69 -7.41
C SER A 46 0.58 6.06 -7.11
N VAL A 47 -0.24 6.11 -6.08
CA VAL A 47 -0.85 7.36 -5.65
C VAL A 47 0.24 8.36 -5.32
N THR A 48 1.23 7.88 -4.61
CA THR A 48 2.37 8.69 -4.20
C THR A 48 3.13 9.18 -5.40
N ALA A 49 3.13 8.34 -6.40
CA ALA A 49 3.83 8.60 -7.62
C ALA A 49 3.22 9.74 -8.42
N ARG A 50 1.91 9.82 -8.45
CA ARG A 50 1.22 10.86 -9.18
C ARG A 50 1.00 12.09 -8.32
N LEU A 51 0.86 11.85 -7.02
CA LEU A 51 0.63 12.90 -6.03
C LEU A 51 1.65 14.03 -6.18
N ARG A 52 2.86 13.66 -6.54
CA ARG A 52 3.95 14.59 -6.70
C ARG A 52 3.66 15.60 -7.81
N GLU A 53 2.97 15.14 -8.84
CA GLU A 53 2.61 15.98 -9.97
C GLU A 53 1.27 16.62 -9.74
N VAL A 54 0.41 15.90 -9.04
CA VAL A 54 -0.94 16.36 -8.76
C VAL A 54 -0.91 17.71 -8.04
N GLU A 55 -0.01 17.83 -7.07
CA GLU A 55 0.13 19.06 -6.32
C GLU A 55 0.45 20.21 -7.23
N HIS A 56 1.40 19.92 -8.09
CA HIS A 56 1.91 20.85 -9.06
C HIS A 56 0.82 21.38 -9.99
N ARG A 57 0.22 20.49 -10.78
CA ARG A 57 -0.83 20.89 -11.72
C ARG A 57 -1.88 19.80 -11.90
N ALA A 58 -2.39 19.28 -10.79
CA ALA A 58 -3.40 18.23 -10.83
C ALA A 58 -2.95 17.06 -11.71
N GLY A 59 -3.88 16.50 -12.49
CA GLY A 59 -3.54 15.38 -13.35
C GLY A 59 -2.52 15.75 -14.41
N GLU A 60 -2.70 16.91 -15.04
CA GLU A 60 -1.79 17.38 -16.08
C GLU A 60 -0.38 17.53 -15.53
N ALA B 1 7.56 -12.30 -9.63
CA ALA B 1 8.40 -11.14 -9.23
C ALA B 1 8.76 -11.21 -7.74
N SER B 2 10.02 -10.93 -7.44
CA SER B 2 10.49 -10.95 -6.06
C SER B 2 9.73 -9.95 -5.20
N ASP B 3 9.32 -10.39 -4.01
CA ASP B 3 8.58 -9.54 -3.09
C ASP B 3 9.44 -8.36 -2.65
N ASP B 4 10.74 -8.60 -2.50
CA ASP B 4 11.68 -7.57 -2.08
C ASP B 4 11.57 -6.34 -2.98
N GLU B 5 11.31 -6.56 -4.26
CA GLU B 5 11.20 -5.47 -5.22
C GLU B 5 10.12 -4.48 -4.78
N LEU B 6 9.00 -4.99 -4.30
CA LEU B 6 7.89 -4.16 -3.85
C LEU B 6 8.19 -3.55 -2.49
N PHE B 7 8.65 -4.38 -1.56
CA PHE B 7 8.98 -3.95 -0.21
C PHE B 7 10.08 -2.90 -0.21
N SER B 8 11.04 -3.05 -1.12
CA SER B 8 12.15 -2.12 -1.22
C SER B 8 11.63 -0.70 -1.44
N MET B 9 10.61 -0.57 -2.29
CA MET B 9 10.01 0.73 -2.57
C MET B 9 9.57 1.38 -1.26
N LEU B 10 9.03 0.56 -0.37
CA LEU B 10 8.56 1.02 0.92
C LEU B 10 9.73 1.37 1.85
N ASP B 11 10.82 0.62 1.72
CA ASP B 11 12.00 0.85 2.56
C ASP B 11 12.42 2.32 2.54
N GLN B 12 12.38 2.92 1.36
CA GLN B 12 12.78 4.32 1.20
C GLN B 12 11.69 5.29 1.67
N ARG B 13 10.44 5.01 1.32
CA ARG B 13 9.33 5.87 1.70
C ARG B 13 9.04 5.77 3.21
N PHE B 14 9.00 4.55 3.71
CA PHE B 14 8.71 4.30 5.12
C PHE B 14 9.89 4.71 6.01
N GLY B 15 11.07 4.83 5.41
CA GLY B 15 12.24 5.20 6.19
C GLY B 15 13.50 5.29 5.34
N GLY B 16 13.51 6.21 4.39
CA GLY B 16 14.66 6.39 3.52
C GLY B 16 15.95 6.61 4.30
N GLY B 17 15.84 7.26 5.44
CA GLY B 17 17.01 7.52 6.27
C GLY B 17 17.67 6.25 6.78
N GLU B 18 17.87 6.18 8.09
CA GLU B 18 18.51 5.03 8.72
C GLU B 18 19.70 4.53 7.91
N ASP B 19 19.96 3.21 7.98
CA ASP B 19 21.08 2.62 7.24
C ASP B 19 21.16 1.12 7.50
N LEU B 20 21.07 0.73 8.76
CA LEU B 20 21.14 -0.69 9.13
C LEU B 20 20.05 -1.50 8.43
N LEU B 21 20.42 -2.68 7.95
CA LEU B 21 19.48 -3.56 7.27
C LEU B 21 18.38 -3.98 8.23
N MET B 22 18.78 -4.27 9.47
CA MET B 22 17.84 -4.70 10.53
C MET B 22 17.38 -6.14 10.32
N SER B 23 16.85 -6.45 9.15
CA SER B 23 16.38 -7.79 8.86
C SER B 23 17.55 -8.77 8.71
N GLY B 24 17.41 -9.73 7.81
CA GLY B 24 18.48 -10.71 7.60
C GLY B 24 18.79 -11.52 8.84
N ASP B 25 17.77 -12.17 9.40
CA ASP B 25 17.94 -12.99 10.60
C ASP B 25 16.84 -14.04 10.70
N ASN B 26 15.60 -13.63 10.43
CA ASN B 26 14.45 -14.53 10.49
C ASN B 26 13.16 -13.78 10.21
N GLY B 27 12.38 -14.31 9.28
CA GLY B 27 11.11 -13.69 8.93
C GLY B 27 10.49 -14.28 7.67
N MET B 28 9.33 -14.91 7.84
CA MET B 28 8.63 -15.52 6.72
C MET B 28 7.94 -14.45 5.87
N THR B 29 6.83 -14.81 5.24
CA THR B 29 6.09 -13.85 4.41
C THR B 29 5.34 -12.85 5.29
N GLU B 30 4.59 -13.36 6.26
CA GLU B 30 3.82 -12.50 7.16
C GLU B 30 4.72 -11.48 7.86
N GLU B 31 5.86 -11.94 8.38
CA GLU B 31 6.79 -11.05 9.08
C GLU B 31 7.06 -9.81 8.25
N LYS B 32 7.40 -10.00 6.98
CA LYS B 32 7.66 -8.89 6.08
C LYS B 32 6.35 -8.16 5.80
N LEU B 33 5.29 -8.95 5.70
CA LEU B 33 3.94 -8.44 5.44
C LEU B 33 3.45 -7.54 6.58
N ARG B 34 4.01 -7.73 7.77
CA ARG B 34 3.60 -6.96 8.94
C ARG B 34 4.21 -5.56 8.95
N ARG B 35 5.49 -5.46 8.63
CA ARG B 35 6.16 -4.16 8.63
C ARG B 35 5.97 -3.39 7.33
N TYR B 36 6.08 -4.09 6.20
CA TYR B 36 5.93 -3.43 4.90
C TYR B 36 4.48 -3.39 4.42
N LEU B 37 3.84 -4.55 4.38
CA LEU B 37 2.47 -4.67 3.90
C LEU B 37 1.41 -4.10 4.85
N LYS B 38 1.54 -4.34 6.14
CA LYS B 38 0.54 -3.83 7.08
C LYS B 38 0.54 -2.31 7.06
N ARG B 39 1.72 -1.74 6.81
CA ARG B 39 1.88 -0.29 6.75
C ARG B 39 1.37 0.30 5.45
N THR B 40 1.69 -0.35 4.33
CA THR B 40 1.27 0.15 3.01
C THR B 40 -0.22 0.43 2.96
N VAL B 41 -1.01 -0.35 3.67
CA VAL B 41 -2.46 -0.15 3.66
C VAL B 41 -2.79 1.24 4.22
N THR B 42 -2.10 1.63 5.28
CA THR B 42 -2.30 2.94 5.88
C THR B 42 -1.62 4.01 5.04
N GLU B 43 -0.42 3.70 4.57
CA GLU B 43 0.35 4.62 3.72
C GLU B 43 -0.46 4.95 2.48
N LEU B 44 -1.08 3.93 1.92
CA LEU B 44 -1.91 4.08 0.73
C LEU B 44 -3.06 5.02 1.04
N ASP B 45 -3.69 4.81 2.19
CA ASP B 45 -4.79 5.63 2.63
C ASP B 45 -4.32 7.06 2.89
N SER B 46 -3.07 7.18 3.30
CA SER B 46 -2.48 8.49 3.60
C SER B 46 -2.27 9.30 2.33
N VAL B 47 -1.49 8.75 1.39
CA VAL B 47 -1.21 9.44 0.14
C VAL B 47 -2.50 9.78 -0.62
N THR B 48 -3.45 8.84 -0.62
CA THR B 48 -4.72 9.06 -1.29
C THR B 48 -5.54 10.11 -0.54
N ALA B 49 -5.43 10.11 0.79
CA ALA B 49 -6.15 11.05 1.63
C ALA B 49 -5.78 12.49 1.29
N ARG B 50 -4.49 12.73 1.08
CA ARG B 50 -4.00 14.06 0.75
C ARG B 50 -4.15 14.34 -0.74
N LEU B 51 -4.05 13.29 -1.56
CA LEU B 51 -4.17 13.42 -3.00
C LEU B 51 -5.45 14.14 -3.41
N ARG B 52 -6.54 13.90 -2.70
CA ARG B 52 -7.82 14.55 -3.00
C ARG B 52 -7.67 16.07 -2.95
N GLU B 53 -6.95 16.55 -1.95
CA GLU B 53 -6.73 17.99 -1.78
C GLU B 53 -5.61 18.48 -2.68
N VAL B 54 -4.58 17.64 -2.84
CA VAL B 54 -3.43 17.97 -3.66
C VAL B 54 -3.84 18.43 -5.06
N GLU B 55 -4.83 17.78 -5.64
CA GLU B 55 -5.30 18.15 -6.98
C GLU B 55 -6.04 19.48 -6.93
N HIS B 56 -6.77 19.70 -5.84
CA HIS B 56 -7.55 20.92 -5.66
C HIS B 56 -6.64 22.15 -5.58
N ARG B 57 -5.69 22.13 -4.65
CA ARG B 57 -4.76 23.26 -4.46
C ARG B 57 -3.44 22.79 -3.86
N ALA B 58 -2.88 21.72 -4.43
CA ALA B 58 -1.61 21.18 -3.95
C ALA B 58 -1.66 20.87 -2.45
N GLY B 59 -0.56 21.11 -1.75
CA GLY B 59 -0.52 20.86 -0.32
C GLY B 59 -1.52 21.68 0.45
N GLU B 60 -1.63 22.96 0.10
CA GLU B 60 -2.57 23.86 0.76
C GLU B 60 -4.01 23.37 0.58
N ALA A 1 -7.51 -4.38 15.58
CA ALA A 1 -8.41 -4.09 14.45
C ALA A 1 -8.49 -5.27 13.50
N SER A 2 -9.69 -5.56 13.01
CA SER A 2 -9.88 -6.64 12.07
C SER A 2 -9.08 -6.38 10.82
N ASP A 3 -8.59 -7.44 10.20
CA ASP A 3 -7.79 -7.32 8.99
C ASP A 3 -8.63 -6.84 7.82
N ASP A 4 -9.76 -7.50 7.61
CA ASP A 4 -10.65 -7.17 6.51
C ASP A 4 -11.09 -5.71 6.57
N GLU A 5 -11.18 -5.17 7.77
CA GLU A 5 -11.60 -3.79 7.91
C GLU A 5 -10.72 -2.87 7.06
N LEU A 6 -9.45 -3.26 6.93
CA LEU A 6 -8.47 -2.51 6.16
C LEU A 6 -8.43 -2.99 4.72
N PHE A 7 -8.48 -4.29 4.55
CA PHE A 7 -8.44 -4.90 3.22
C PHE A 7 -9.70 -4.61 2.42
N SER A 8 -10.79 -4.39 3.13
CA SER A 8 -12.06 -4.12 2.49
C SER A 8 -12.02 -2.81 1.70
N MET A 9 -11.56 -1.74 2.32
CA MET A 9 -11.46 -0.47 1.64
C MET A 9 -10.57 -0.65 0.41
N LEU A 10 -9.54 -1.48 0.55
CA LEU A 10 -8.63 -1.78 -0.54
C LEU A 10 -9.39 -2.50 -1.63
N ASP A 11 -10.35 -3.30 -1.20
CA ASP A 11 -11.20 -4.05 -2.10
C ASP A 11 -11.98 -3.11 -3.01
N GLN A 12 -12.49 -2.03 -2.41
CA GLN A 12 -13.27 -1.06 -3.15
C GLN A 12 -12.40 -0.13 -4.00
N ARG A 13 -11.21 0.15 -3.50
CA ARG A 13 -10.29 1.03 -4.20
C ARG A 13 -9.61 0.30 -5.35
N PHE A 14 -9.28 -0.95 -5.10
CA PHE A 14 -8.61 -1.79 -6.08
C PHE A 14 -9.56 -2.17 -7.21
N GLY A 15 -10.87 -2.07 -6.96
CA GLY A 15 -11.84 -2.41 -7.98
C GLY A 15 -13.25 -2.56 -7.46
N GLY A 16 -13.72 -1.57 -6.70
CA GLY A 16 -15.07 -1.62 -6.18
C GLY A 16 -15.38 -2.91 -5.44
N GLY A 17 -16.55 -3.49 -5.72
CA GLY A 17 -16.94 -4.72 -5.06
C GLY A 17 -16.11 -5.90 -5.50
N GLU A 18 -16.77 -7.05 -5.70
CA GLU A 18 -16.10 -8.26 -6.13
C GLU A 18 -15.50 -8.12 -7.52
N ASP A 19 -15.41 -9.24 -8.23
CA ASP A 19 -14.85 -9.25 -9.58
C ASP A 19 -14.92 -10.64 -10.17
N LEU A 20 -14.25 -11.54 -9.49
CA LEU A 20 -14.18 -12.93 -9.89
C LEU A 20 -15.56 -13.61 -9.79
N LEU A 21 -15.88 -14.40 -10.79
CA LEU A 21 -17.14 -15.11 -10.84
C LEU A 21 -17.13 -16.29 -9.87
N MET A 22 -16.19 -17.21 -10.08
CA MET A 22 -16.05 -18.39 -9.25
C MET A 22 -15.50 -18.03 -7.88
N SER A 23 -14.54 -17.10 -7.86
CA SER A 23 -13.90 -16.67 -6.62
C SER A 23 -13.07 -17.79 -6.01
N GLY A 24 -11.90 -17.43 -5.48
CA GLY A 24 -11.03 -18.43 -4.88
C GLY A 24 -11.56 -18.96 -3.57
N ASP A 25 -10.65 -19.22 -2.63
CA ASP A 25 -11.02 -19.75 -1.32
C ASP A 25 -9.79 -19.85 -0.42
N ASN A 26 -9.12 -18.71 -0.23
CA ASN A 26 -7.91 -18.66 0.60
C ASN A 26 -8.24 -18.98 2.06
N GLY A 27 -7.40 -18.47 2.96
CA GLY A 27 -7.59 -18.70 4.38
C GLY A 27 -6.44 -18.20 5.22
N MET A 28 -5.22 -18.54 4.81
CA MET A 28 -4.04 -18.13 5.53
C MET A 28 -3.84 -16.63 5.49
N THR A 29 -3.24 -16.08 6.53
CA THR A 29 -2.99 -14.66 6.61
C THR A 29 -2.16 -14.18 5.43
N GLU A 30 -1.13 -14.95 5.09
CA GLU A 30 -0.25 -14.64 3.97
C GLU A 30 -1.04 -14.38 2.70
N GLU A 31 -1.81 -15.39 2.28
CA GLU A 31 -2.61 -15.30 1.06
C GLU A 31 -3.27 -13.93 0.90
N LYS A 32 -3.89 -13.46 1.97
CA LYS A 32 -4.53 -12.15 1.95
C LYS A 32 -3.45 -11.08 1.83
N LEU A 33 -2.48 -11.18 2.73
CA LEU A 33 -1.35 -10.27 2.77
C LEU A 33 -0.53 -10.31 1.48
N ARG A 34 -0.74 -11.33 0.66
CA ARG A 34 -0.01 -11.46 -0.60
C ARG A 34 -0.55 -10.47 -1.64
N ARG A 35 -1.87 -10.39 -1.73
CA ARG A 35 -2.50 -9.48 -2.69
C ARG A 35 -2.60 -8.06 -2.15
N TYR A 36 -3.22 -7.89 -1.00
CA TYR A 36 -3.39 -6.59 -0.37
C TYR A 36 -2.07 -5.86 -0.18
N LEU A 37 -1.04 -6.54 0.30
CA LEU A 37 0.25 -5.89 0.47
C LEU A 37 0.91 -5.58 -0.86
N LYS A 38 1.13 -6.60 -1.68
CA LYS A 38 1.76 -6.42 -2.98
C LYS A 38 1.08 -5.28 -3.74
N ARG A 39 -0.24 -5.24 -3.64
CA ARG A 39 -1.03 -4.22 -4.30
C ARG A 39 -0.85 -2.86 -3.65
N THR A 40 -1.26 -2.73 -2.40
CA THR A 40 -1.17 -1.46 -1.70
C THR A 40 0.20 -0.82 -1.80
N VAL A 41 1.23 -1.63 -2.03
CA VAL A 41 2.58 -1.11 -2.14
C VAL A 41 2.74 -0.30 -3.41
N THR A 42 2.37 -0.90 -4.51
CA THR A 42 2.44 -0.23 -5.79
C THR A 42 1.32 0.79 -5.88
N GLU A 43 0.24 0.49 -5.16
CA GLU A 43 -0.91 1.34 -5.07
C GLU A 43 -0.52 2.63 -4.40
N LEU A 44 0.20 2.48 -3.29
CA LEU A 44 0.68 3.61 -2.54
C LEU A 44 1.81 4.25 -3.32
N ASP A 45 2.56 3.39 -4.02
CA ASP A 45 3.67 3.83 -4.86
C ASP A 45 3.15 4.54 -6.09
N SER A 46 1.85 4.38 -6.33
CA SER A 46 1.19 4.98 -7.48
C SER A 46 0.67 6.35 -7.12
N VAL A 47 -0.21 6.37 -6.13
CA VAL A 47 -0.79 7.61 -5.66
C VAL A 47 0.31 8.57 -5.25
N THR A 48 1.28 8.03 -4.53
CA THR A 48 2.41 8.80 -4.07
C THR A 48 3.19 9.37 -5.23
N ALA A 49 3.21 8.57 -6.26
CA ALA A 49 3.92 8.90 -7.46
C ALA A 49 3.26 10.04 -8.23
N ARG A 50 1.95 9.99 -8.33
CA ARG A 50 1.20 11.00 -9.04
C ARG A 50 1.01 12.26 -8.21
N LEU A 51 0.87 12.07 -6.90
CA LEU A 51 0.67 13.17 -5.97
C LEU A 51 1.73 14.24 -6.18
N ARG A 52 2.93 13.78 -6.49
CA ARG A 52 4.07 14.65 -6.71
C ARG A 52 3.79 15.70 -7.76
N GLU A 53 3.11 15.27 -8.82
CA GLU A 53 2.77 16.13 -9.92
C GLU A 53 1.42 16.77 -9.72
N VAL A 54 0.56 16.07 -9.01
CA VAL A 54 -0.78 16.55 -8.76
C VAL A 54 -0.75 17.88 -8.02
N GLU A 55 0.10 17.95 -7.01
CA GLU A 55 0.23 19.16 -6.21
C GLU A 55 0.59 20.33 -7.09
N HIS A 56 1.53 20.04 -7.94
CA HIS A 56 2.08 21.00 -8.89
C HIS A 56 1.01 21.58 -9.82
N ARG A 57 0.38 20.73 -10.62
CA ARG A 57 -0.65 21.19 -11.56
C ARG A 57 -1.73 20.14 -11.79
N ALA A 58 -2.33 19.65 -10.70
CA ALA A 58 -3.38 18.65 -10.79
C ALA A 58 -2.92 17.44 -11.61
N GLY A 59 -3.85 16.85 -12.37
CA GLY A 59 -3.51 15.71 -13.19
C GLY A 59 -4.71 15.16 -13.95
N GLU A 60 -4.86 13.84 -13.92
CA GLU A 60 -5.97 13.19 -14.61
C GLU A 60 -7.31 13.67 -14.06
N ALA B 1 7.43 -12.29 -9.45
CA ALA B 1 8.25 -11.13 -9.02
C ALA B 1 8.70 -11.28 -7.57
N SER B 2 9.97 -10.97 -7.32
CA SER B 2 10.53 -11.08 -5.97
C SER B 2 9.79 -10.17 -5.01
N ASP B 3 9.48 -10.69 -3.82
CA ASP B 3 8.76 -9.92 -2.81
C ASP B 3 9.57 -8.69 -2.38
N ASP B 4 10.87 -8.90 -2.16
CA ASP B 4 11.76 -7.82 -1.74
C ASP B 4 11.79 -6.70 -2.77
N GLU B 5 11.64 -7.05 -4.04
CA GLU B 5 11.66 -6.07 -5.12
C GLU B 5 10.64 -4.97 -4.86
N LEU B 6 9.41 -5.36 -4.56
CA LEU B 6 8.34 -4.40 -4.28
C LEU B 6 8.50 -3.81 -2.90
N PHE B 7 8.75 -4.68 -1.92
CA PHE B 7 8.93 -4.27 -0.54
C PHE B 7 10.02 -3.22 -0.41
N SER B 8 11.02 -3.29 -1.29
CA SER B 8 12.12 -2.34 -1.28
C SER B 8 11.58 -0.93 -1.51
N MET B 9 10.59 -0.80 -2.39
CA MET B 9 9.98 0.49 -2.70
C MET B 9 9.48 1.15 -1.41
N LEU B 10 8.91 0.35 -0.52
CA LEU B 10 8.39 0.86 0.74
C LEU B 10 9.52 1.24 1.69
N ASP B 11 10.58 0.45 1.69
CA ASP B 11 11.71 0.71 2.57
C ASP B 11 12.22 2.14 2.43
N GLN B 12 12.46 2.56 1.19
CA GLN B 12 12.97 3.91 0.92
C GLN B 12 11.93 5.00 1.18
N ARG B 13 10.67 4.73 0.82
CA ARG B 13 9.60 5.71 1.01
C ARG B 13 9.21 5.84 2.48
N PHE B 14 9.13 4.72 3.17
CA PHE B 14 8.73 4.69 4.58
C PHE B 14 9.81 5.26 5.49
N GLY B 15 11.06 5.30 5.01
CA GLY B 15 12.14 5.84 5.82
C GLY B 15 13.51 5.65 5.21
N GLY B 16 13.64 5.97 3.92
CA GLY B 16 14.91 5.83 3.24
C GLY B 16 15.52 4.45 3.41
N GLY B 17 16.81 4.42 3.73
CA GLY B 17 17.49 3.15 3.92
C GLY B 17 17.01 2.42 5.16
N GLU B 18 17.95 1.88 5.93
CA GLU B 18 17.61 1.15 7.15
C GLU B 18 17.08 2.10 8.22
N ASP B 19 17.26 1.73 9.49
CA ASP B 19 16.80 2.55 10.60
C ASP B 19 17.22 1.92 11.93
N LEU B 20 16.85 0.66 12.11
CA LEU B 20 17.18 -0.06 13.34
C LEU B 20 18.67 -0.44 13.34
N LEU B 21 19.35 -0.14 14.45
CA LEU B 21 20.77 -0.46 14.56
C LEU B 21 20.98 -1.95 14.76
N MET B 22 20.27 -2.52 15.74
CA MET B 22 20.37 -3.96 16.02
C MET B 22 19.71 -4.77 14.92
N SER B 23 18.56 -4.29 14.45
CA SER B 23 17.81 -4.97 13.39
C SER B 23 17.28 -6.32 13.86
N GLY B 24 16.03 -6.60 13.55
CA GLY B 24 15.42 -7.86 13.96
C GLY B 24 16.01 -9.05 13.24
N ASP B 25 15.16 -10.00 12.86
CA ASP B 25 15.59 -11.20 12.16
C ASP B 25 14.39 -12.09 11.82
N ASN B 26 13.42 -11.50 11.13
CA ASN B 26 12.21 -12.22 10.74
C ASN B 26 12.53 -13.37 9.78
N GLY B 27 11.55 -13.74 8.97
CA GLY B 27 11.75 -14.83 8.02
C GLY B 27 10.46 -15.29 7.38
N MET B 28 9.43 -15.51 8.20
CA MET B 28 8.13 -15.95 7.72
C MET B 28 7.50 -14.90 6.82
N THR B 29 6.77 -15.37 5.81
CA THR B 29 6.09 -14.48 4.87
C THR B 29 5.20 -13.48 5.60
N GLU B 30 4.44 -13.95 6.59
CA GLU B 30 3.55 -13.08 7.35
C GLU B 30 4.32 -11.94 8.00
N GLU B 31 5.36 -12.28 8.76
CA GLU B 31 6.16 -11.27 9.45
C GLU B 31 6.45 -10.07 8.56
N LYS B 32 6.93 -10.34 7.36
CA LYS B 32 7.23 -9.27 6.41
C LYS B 32 5.94 -8.62 5.92
N LEU B 33 4.95 -9.45 5.62
CA LEU B 33 3.66 -8.97 5.15
C LEU B 33 2.90 -8.23 6.25
N ARG B 34 3.34 -8.38 7.49
CA ARG B 34 2.69 -7.72 8.62
C ARG B 34 3.01 -6.23 8.64
N ARG B 35 4.31 -5.91 8.59
CA ARG B 35 4.75 -4.52 8.62
C ARG B 35 4.50 -3.79 7.31
N TYR B 36 4.95 -4.38 6.21
CA TYR B 36 4.78 -3.75 4.90
C TYR B 36 3.31 -3.52 4.55
N LEU B 37 2.46 -4.53 4.77
CA LEU B 37 1.03 -4.39 4.45
C LEU B 37 0.35 -3.42 5.39
N LYS B 38 0.57 -3.57 6.69
CA LYS B 38 -0.05 -2.68 7.67
C LYS B 38 0.32 -1.24 7.35
N ARG B 39 1.58 -1.04 6.95
CA ARG B 39 2.07 0.28 6.60
C ARG B 39 1.46 0.77 5.28
N THR B 40 1.52 -0.09 4.26
CA THR B 40 0.97 0.27 2.95
C THR B 40 -0.49 0.66 3.06
N VAL B 41 -1.25 -0.14 3.78
CA VAL B 41 -2.67 0.13 3.96
C VAL B 41 -2.88 1.55 4.49
N THR B 42 -1.95 2.02 5.32
CA THR B 42 -2.03 3.37 5.88
C THR B 42 -1.44 4.39 4.91
N GLU B 43 -0.30 4.06 4.31
CA GLU B 43 0.37 4.94 3.35
C GLU B 43 -0.54 5.15 2.15
N LEU B 44 -1.01 4.04 1.61
CA LEU B 44 -1.91 4.03 0.48
C LEU B 44 -3.13 4.90 0.76
N ASP B 45 -3.62 4.79 2.00
CA ASP B 45 -4.77 5.57 2.44
C ASP B 45 -4.38 7.02 2.71
N SER B 46 -3.14 7.23 3.12
CA SER B 46 -2.63 8.57 3.42
C SER B 46 -2.43 9.39 2.16
N VAL B 47 -1.61 8.88 1.24
CA VAL B 47 -1.34 9.58 0.00
C VAL B 47 -2.61 9.80 -0.82
N THR B 48 -3.49 8.80 -0.83
CA THR B 48 -4.74 8.91 -1.57
C THR B 48 -5.61 10.01 -0.95
N ALA B 49 -5.59 10.09 0.38
CA ALA B 49 -6.36 11.09 1.10
C ALA B 49 -5.87 12.49 0.77
N ARG B 50 -4.55 12.66 0.80
CA ARG B 50 -3.94 13.95 0.50
C ARG B 50 -4.13 14.30 -0.96
N LEU B 51 -4.04 13.29 -1.82
CA LEU B 51 -4.20 13.46 -3.26
C LEU B 51 -5.53 14.16 -3.57
N ARG B 52 -6.53 13.90 -2.75
CA ARG B 52 -7.85 14.49 -2.93
C ARG B 52 -7.76 16.03 -2.94
N GLU B 53 -7.05 16.57 -1.96
CA GLU B 53 -6.88 18.02 -1.85
C GLU B 53 -5.76 18.52 -2.75
N VAL B 54 -4.70 17.71 -2.87
CA VAL B 54 -3.54 18.05 -3.69
C VAL B 54 -3.95 18.50 -5.09
N GLU B 55 -4.88 17.79 -5.70
CA GLU B 55 -5.34 18.15 -7.04
C GLU B 55 -6.12 19.45 -7.02
N HIS B 56 -6.86 19.68 -5.94
CA HIS B 56 -7.67 20.88 -5.80
C HIS B 56 -6.80 22.14 -5.72
N ARG B 57 -5.86 22.17 -4.77
CA ARG B 57 -4.98 23.33 -4.61
C ARG B 57 -3.65 22.92 -4.00
N ALA B 58 -3.01 21.91 -4.56
CA ALA B 58 -1.72 21.44 -4.07
C ALA B 58 -1.79 21.06 -2.59
N GLY B 59 -0.70 21.31 -1.87
CA GLY B 59 -0.66 21.00 -0.46
C GLY B 59 0.69 21.30 0.17
N GLU B 60 1.19 20.37 0.97
CA GLU B 60 2.48 20.54 1.63
C GLU B 60 3.60 20.69 0.60
N ALA A 1 -8.32 -4.72 15.86
CA ALA A 1 -9.24 -4.55 14.70
C ALA A 1 -8.97 -5.61 13.64
N SER A 2 -10.05 -6.13 13.05
CA SER A 2 -9.93 -7.12 12.01
C SER A 2 -9.19 -6.53 10.83
N ASP A 3 -8.42 -7.36 10.16
CA ASP A 3 -7.64 -6.94 9.02
C ASP A 3 -8.52 -6.70 7.80
N ASP A 4 -9.60 -7.46 7.70
CA ASP A 4 -10.53 -7.34 6.59
C ASP A 4 -11.04 -5.93 6.46
N GLU A 5 -11.24 -5.26 7.59
CA GLU A 5 -11.73 -3.90 7.56
C GLU A 5 -10.79 -3.02 6.74
N LEU A 6 -9.50 -3.31 6.84
CA LEU A 6 -8.47 -2.59 6.10
C LEU A 6 -8.42 -3.06 4.66
N PHE A 7 -8.53 -4.36 4.49
CA PHE A 7 -8.47 -4.95 3.16
C PHE A 7 -9.74 -4.65 2.37
N SER A 8 -10.81 -4.33 3.09
CA SER A 8 -12.09 -4.03 2.47
C SER A 8 -12.01 -2.74 1.66
N MET A 9 -11.52 -1.68 2.29
CA MET A 9 -11.37 -0.42 1.60
C MET A 9 -10.52 -0.62 0.36
N LEU A 10 -9.49 -1.46 0.49
CA LEU A 10 -8.61 -1.77 -0.61
C LEU A 10 -9.42 -2.44 -1.70
N ASP A 11 -10.38 -3.23 -1.26
CA ASP A 11 -11.28 -3.92 -2.15
C ASP A 11 -12.02 -2.92 -3.02
N GLN A 12 -12.36 -1.79 -2.42
CA GLN A 12 -13.09 -0.74 -3.11
C GLN A 12 -12.19 0.07 -4.04
N ARG A 13 -10.97 0.33 -3.60
CA ARG A 13 -10.02 1.09 -4.38
C ARG A 13 -9.47 0.27 -5.54
N PHE A 14 -9.19 -0.99 -5.24
CA PHE A 14 -8.65 -1.92 -6.22
C PHE A 14 -9.70 -2.28 -7.27
N GLY A 15 -10.97 -2.07 -6.92
CA GLY A 15 -12.04 -2.38 -7.84
C GLY A 15 -13.40 -2.44 -7.17
N GLY A 16 -13.83 -1.32 -6.60
CA GLY A 16 -15.12 -1.27 -5.94
C GLY A 16 -16.27 -1.63 -6.87
N GLY A 17 -17.17 -2.49 -6.39
CA GLY A 17 -18.30 -2.91 -7.19
C GLY A 17 -19.20 -3.88 -6.47
N GLU A 18 -18.60 -4.92 -5.91
CA GLU A 18 -19.33 -5.95 -5.18
C GLU A 18 -20.01 -5.37 -3.94
N ASP A 19 -20.06 -6.17 -2.88
CA ASP A 19 -20.68 -5.76 -1.63
C ASP A 19 -20.49 -6.82 -0.58
N LEU A 20 -20.93 -8.01 -0.93
CA LEU A 20 -20.83 -9.16 -0.05
C LEU A 20 -19.39 -9.51 0.24
N LEU A 21 -19.10 -9.86 1.48
CA LEU A 21 -17.75 -10.21 1.90
C LEU A 21 -17.30 -11.49 1.22
N MET A 22 -16.08 -11.48 0.68
CA MET A 22 -15.53 -12.65 0.00
C MET A 22 -15.36 -13.80 0.98
N SER A 23 -14.84 -13.50 2.16
CA SER A 23 -14.62 -14.51 3.19
C SER A 23 -13.69 -15.60 2.69
N GLY A 24 -13.90 -16.82 3.18
CA GLY A 24 -13.07 -17.94 2.78
C GLY A 24 -13.50 -19.24 3.42
N ASP A 25 -12.54 -19.99 3.96
CA ASP A 25 -12.84 -21.26 4.61
C ASP A 25 -11.63 -21.75 5.41
N ASN A 26 -11.07 -20.85 6.20
CA ASN A 26 -9.92 -21.16 7.05
C ASN A 26 -8.70 -21.58 6.21
N GLY A 27 -7.55 -20.97 6.49
CA GLY A 27 -6.35 -21.31 5.78
C GLY A 27 -5.13 -20.64 6.35
N MET A 28 -4.93 -19.37 5.98
CA MET A 28 -3.79 -18.58 6.46
C MET A 28 -4.05 -17.10 6.30
N THR A 29 -3.13 -16.32 6.83
CA THR A 29 -3.20 -14.86 6.75
C THR A 29 -2.50 -14.37 5.48
N GLU A 30 -1.38 -15.03 5.17
CA GLU A 30 -0.56 -14.71 4.00
C GLU A 30 -1.42 -14.53 2.75
N GLU A 31 -2.20 -15.55 2.43
CA GLU A 31 -3.04 -15.52 1.23
C GLU A 31 -3.63 -14.15 0.97
N LYS A 32 -4.20 -13.56 2.01
CA LYS A 32 -4.77 -12.22 1.90
C LYS A 32 -3.63 -11.23 1.73
N LEU A 33 -2.67 -11.31 2.63
CA LEU A 33 -1.49 -10.45 2.62
C LEU A 33 -0.72 -10.54 1.30
N ARG A 34 -0.96 -11.61 0.54
CA ARG A 34 -0.26 -11.80 -0.73
C ARG A 34 -0.70 -10.78 -1.77
N ARG A 35 -2.01 -10.59 -1.90
CA ARG A 35 -2.56 -9.65 -2.88
C ARG A 35 -2.60 -8.22 -2.34
N TYR A 36 -3.27 -8.04 -1.21
CA TYR A 36 -3.41 -6.74 -0.58
C TYR A 36 -2.07 -6.04 -0.39
N LEU A 37 -1.04 -6.76 0.02
CA LEU A 37 0.27 -6.15 0.22
C LEU A 37 0.89 -5.73 -1.11
N LYS A 38 1.18 -6.71 -1.96
CA LYS A 38 1.81 -6.43 -3.25
C LYS A 38 1.08 -5.30 -3.95
N ARG A 39 -0.23 -5.30 -3.82
CA ARG A 39 -1.05 -4.28 -4.43
C ARG A 39 -0.88 -2.94 -3.77
N THR A 40 -1.24 -2.82 -2.49
CA THR A 40 -1.13 -1.57 -1.80
C THR A 40 0.26 -0.96 -1.83
N VAL A 41 1.28 -1.79 -1.99
CA VAL A 41 2.64 -1.28 -2.05
C VAL A 41 2.86 -0.47 -3.30
N THR A 42 2.43 -1.01 -4.42
CA THR A 42 2.55 -0.32 -5.68
C THR A 42 1.43 0.71 -5.77
N GLU A 43 0.29 0.37 -5.17
CA GLU A 43 -0.85 1.24 -5.12
C GLU A 43 -0.47 2.51 -4.41
N LEU A 44 0.27 2.33 -3.31
CA LEU A 44 0.74 3.45 -2.52
C LEU A 44 1.90 4.10 -3.26
N ASP A 45 2.71 3.25 -3.89
CA ASP A 45 3.85 3.69 -4.67
C ASP A 45 3.38 4.45 -5.91
N SER A 46 2.11 4.27 -6.22
CA SER A 46 1.51 4.91 -7.39
C SER A 46 0.94 6.27 -7.04
N VAL A 47 -0.06 6.27 -6.18
CA VAL A 47 -0.69 7.50 -5.74
C VAL A 47 0.35 8.47 -5.22
N THR A 48 1.28 7.94 -4.47
CA THR A 48 2.36 8.73 -3.90
C THR A 48 3.22 9.28 -5.01
N ALA A 49 3.30 8.50 -6.05
CA ALA A 49 4.10 8.82 -7.20
C ALA A 49 3.48 9.93 -8.05
N ARG A 50 2.15 9.93 -8.15
CA ARG A 50 1.47 10.93 -8.94
C ARG A 50 1.15 12.18 -8.14
N LEU A 51 0.97 11.98 -6.84
CA LEU A 51 0.64 13.07 -5.91
C LEU A 51 1.63 14.22 -6.02
N ARG A 52 2.89 13.86 -6.15
CA ARG A 52 3.97 14.84 -6.26
C ARG A 52 3.74 15.80 -7.42
N GLU A 53 3.15 15.27 -8.49
CA GLU A 53 2.89 16.05 -9.67
C GLU A 53 1.52 16.65 -9.61
N VAL A 54 0.63 15.95 -8.93
CA VAL A 54 -0.73 16.40 -8.79
C VAL A 54 -0.77 17.78 -8.16
N GLU A 55 0.00 17.95 -7.09
CA GLU A 55 0.08 19.22 -6.39
C GLU A 55 0.55 20.29 -7.35
N HIS A 56 1.56 19.90 -8.09
CA HIS A 56 2.19 20.76 -9.08
C HIS A 56 1.23 21.23 -10.17
N ARG A 57 0.96 20.33 -11.12
CA ARG A 57 0.07 20.65 -12.24
C ARG A 57 -1.37 20.86 -11.79
N ALA A 58 -1.91 19.91 -11.04
CA ALA A 58 -3.29 20.01 -10.55
C ALA A 58 -4.28 20.10 -11.73
N GLY A 59 -5.29 20.95 -11.58
CA GLY A 59 -6.28 21.11 -12.64
C GLY A 59 -5.68 21.67 -13.91
N GLU A 60 -6.03 21.07 -15.05
CA GLU A 60 -5.54 21.52 -16.35
C GLU A 60 -4.01 21.51 -16.37
N ALA B 1 7.95 -12.65 -9.77
CA ALA B 1 8.85 -11.57 -9.29
C ALA B 1 8.99 -11.62 -7.77
N SER B 2 10.22 -11.46 -7.29
CA SER B 2 10.50 -11.48 -5.86
C SER B 2 9.71 -10.38 -5.14
N ASP B 3 9.06 -10.76 -4.04
CA ASP B 3 8.28 -9.82 -3.26
C ASP B 3 9.16 -8.70 -2.71
N ASP B 4 10.38 -9.07 -2.31
CA ASP B 4 11.34 -8.11 -1.75
C ASP B 4 11.46 -6.88 -2.65
N GLU B 5 11.39 -7.08 -3.96
CA GLU B 5 11.49 -5.98 -4.91
C GLU B 5 10.42 -4.93 -4.62
N LEU B 6 9.20 -5.39 -4.38
CA LEU B 6 8.09 -4.51 -4.08
C LEU B 6 8.29 -3.82 -2.74
N PHE B 7 8.70 -4.60 -1.74
CA PHE B 7 8.95 -4.08 -0.40
C PHE B 7 10.05 -3.02 -0.43
N SER B 8 11.03 -3.21 -1.32
CA SER B 8 12.14 -2.28 -1.45
C SER B 8 11.62 -0.87 -1.70
N MET B 9 10.63 -0.75 -2.57
CA MET B 9 10.04 0.56 -2.88
C MET B 9 9.56 1.21 -1.60
N LEU B 10 9.00 0.41 -0.72
CA LEU B 10 8.48 0.89 0.56
C LEU B 10 9.61 1.36 1.47
N ASP B 11 10.72 0.63 1.48
CA ASP B 11 11.85 1.00 2.33
C ASP B 11 12.28 2.44 2.08
N GLN B 12 12.28 2.84 0.82
CA GLN B 12 12.68 4.20 0.44
C GLN B 12 11.62 5.23 0.83
N ARG B 13 10.36 4.89 0.61
CA ARG B 13 9.26 5.81 0.93
C ARG B 13 9.04 5.92 2.43
N PHE B 14 9.02 4.78 3.10
CA PHE B 14 8.80 4.73 4.55
C PHE B 14 9.99 5.27 5.33
N GLY B 15 11.16 5.30 4.70
CA GLY B 15 12.35 5.79 5.38
C GLY B 15 13.62 5.55 4.58
N GLY B 16 13.66 6.03 3.35
CA GLY B 16 14.83 5.85 2.52
C GLY B 16 16.08 6.43 3.14
N GLY B 17 17.16 5.65 3.13
CA GLY B 17 18.41 6.11 3.70
C GLY B 17 19.50 5.07 3.62
N GLU B 18 19.17 3.83 3.97
CA GLU B 18 20.12 2.72 3.94
C GLU B 18 20.51 2.38 2.51
N ASP B 19 20.72 1.09 2.25
CA ASP B 19 21.10 0.61 0.92
C ASP B 19 21.21 -0.90 0.90
N LEU B 20 21.94 -1.45 1.86
CA LEU B 20 22.13 -2.89 1.97
C LEU B 20 20.82 -3.59 2.33
N LEU B 21 20.54 -4.69 1.66
CA LEU B 21 19.32 -5.45 1.91
C LEU B 21 19.29 -5.99 3.33
N MET B 22 18.15 -5.81 4.01
CA MET B 22 17.99 -6.29 5.38
C MET B 22 18.07 -7.81 5.45
N SER B 23 17.44 -8.47 4.49
CA SER B 23 17.43 -9.93 4.42
C SER B 23 16.85 -10.53 5.70
N GLY B 24 17.41 -11.65 6.14
CA GLY B 24 16.93 -12.30 7.35
C GLY B 24 17.67 -13.59 7.65
N ASP B 25 16.93 -14.65 7.91
CA ASP B 25 17.52 -15.95 8.23
C ASP B 25 16.46 -17.04 8.24
N ASN B 26 15.63 -17.06 7.18
CA ASN B 26 14.56 -18.05 7.06
C ASN B 26 13.52 -17.86 8.15
N GLY B 27 12.25 -17.92 7.76
CA GLY B 27 11.16 -17.75 8.71
C GLY B 27 9.81 -17.91 8.08
N MET B 28 9.07 -16.81 7.98
CA MET B 28 7.74 -16.83 7.38
C MET B 28 7.46 -15.53 6.63
N THR B 29 6.67 -15.64 5.57
CA THR B 29 6.32 -14.48 4.75
C THR B 29 5.55 -13.43 5.55
N GLU B 30 4.71 -13.88 6.47
CA GLU B 30 3.90 -12.97 7.28
C GLU B 30 4.73 -11.89 7.98
N GLU B 31 5.82 -12.30 8.64
CA GLU B 31 6.67 -11.35 9.37
C GLU B 31 6.87 -10.07 8.56
N LYS B 32 7.17 -10.23 7.28
CA LYS B 32 7.38 -9.10 6.39
C LYS B 32 6.03 -8.47 6.03
N LEU B 33 5.05 -9.33 5.79
CA LEU B 33 3.71 -8.89 5.44
C LEU B 33 3.04 -8.15 6.60
N ARG B 34 3.60 -8.30 7.80
CA ARG B 34 3.03 -7.66 8.98
C ARG B 34 3.26 -6.15 8.98
N ARG B 35 4.52 -5.74 8.87
CA ARG B 35 4.86 -4.33 8.89
C ARG B 35 4.54 -3.63 7.56
N TYR B 36 5.03 -4.20 6.45
CA TYR B 36 4.82 -3.59 5.15
C TYR B 36 3.33 -3.45 4.80
N LEU B 37 2.53 -4.46 5.12
CA LEU B 37 1.09 -4.40 4.82
C LEU B 37 0.39 -3.34 5.65
N LYS B 38 0.57 -3.38 6.96
CA LYS B 38 -0.06 -2.39 7.83
C LYS B 38 0.37 -0.99 7.42
N ARG B 39 1.62 -0.87 7.01
CA ARG B 39 2.16 0.40 6.57
C ARG B 39 1.54 0.84 5.25
N THR B 40 1.51 -0.07 4.28
CA THR B 40 0.94 0.24 2.97
C THR B 40 -0.52 0.62 3.07
N VAL B 41 -1.28 -0.23 3.76
CA VAL B 41 -2.70 0.00 3.94
C VAL B 41 -2.97 1.39 4.53
N THR B 42 -2.04 1.89 5.35
CA THR B 42 -2.19 3.22 5.94
C THR B 42 -1.59 4.30 5.02
N GLU B 43 -0.37 4.05 4.54
CA GLU B 43 0.31 4.98 3.64
C GLU B 43 -0.54 5.25 2.42
N LEU B 44 -1.00 4.17 1.80
CA LEU B 44 -1.85 4.25 0.63
C LEU B 44 -3.04 5.15 0.92
N ASP B 45 -3.69 4.88 2.04
CA ASP B 45 -4.84 5.65 2.47
C ASP B 45 -4.45 7.11 2.72
N SER B 46 -3.22 7.31 3.18
CA SER B 46 -2.72 8.65 3.49
C SER B 46 -2.55 9.48 2.21
N VAL B 47 -1.63 9.07 1.35
CA VAL B 47 -1.38 9.80 0.11
C VAL B 47 -2.64 9.98 -0.71
N THR B 48 -3.47 8.94 -0.81
CA THR B 48 -4.70 9.04 -1.57
C THR B 48 -5.64 10.04 -0.92
N ALA B 49 -5.62 10.10 0.41
CA ALA B 49 -6.47 11.01 1.16
C ALA B 49 -6.08 12.47 0.88
N ARG B 50 -4.78 12.73 0.85
CA ARG B 50 -4.28 14.07 0.59
C ARG B 50 -4.30 14.38 -0.91
N LEU B 51 -4.24 13.33 -1.72
CA LEU B 51 -4.24 13.47 -3.18
C LEU B 51 -5.48 14.23 -3.67
N ARG B 52 -6.64 13.93 -3.08
CA ARG B 52 -7.87 14.58 -3.48
C ARG B 52 -7.77 16.10 -3.32
N GLU B 53 -7.15 16.54 -2.23
CA GLU B 53 -6.97 17.96 -1.96
C GLU B 53 -5.80 18.54 -2.73
N VAL B 54 -4.73 17.74 -2.86
CA VAL B 54 -3.53 18.18 -3.57
C VAL B 54 -3.86 18.74 -4.95
N GLU B 55 -4.75 18.06 -5.67
CA GLU B 55 -5.14 18.52 -7.00
C GLU B 55 -5.98 19.79 -6.90
N HIS B 56 -6.81 19.85 -5.85
CA HIS B 56 -7.68 21.01 -5.63
C HIS B 56 -6.87 22.27 -5.32
N ARG B 57 -6.25 22.30 -4.15
CA ARG B 57 -5.45 23.44 -3.72
C ARG B 57 -4.17 23.57 -4.53
N ALA B 58 -3.44 22.47 -4.66
CA ALA B 58 -2.19 22.46 -5.42
C ALA B 58 -1.17 23.42 -4.81
N GLY B 59 -0.40 24.09 -5.68
CA GLY B 59 0.60 25.03 -5.20
C GLY B 59 -0.01 26.21 -4.48
N GLU B 60 0.58 26.58 -3.34
CA GLU B 60 0.09 27.70 -2.55
C GLU B 60 -1.37 27.49 -2.15
#